data_5N0Z
#
_entry.id   5N0Z
#
_cell.length_a   147.150
_cell.length_b   60.940
_cell.length_c   115.320
_cell.angle_alpha   90.00
_cell.angle_beta   124.68
_cell.angle_gamma   90.00
#
_symmetry.space_group_name_H-M   'C 1 2 1'
#
loop_
_entity.id
_entity.type
_entity.pdbx_description
1 polymer 'Protein-arginine deiminase type-4'
2 non-polymer 'SULFATE ION'
3 non-polymer 'CALCIUM ION'
4 non-polymer 2-ethyl-~{N}-[(1~{S})-4-(2-fluoranylethanimidoylamino)-1-(4-methoxy-1-methyl-benzimidazol-2-yl)butyl]-3-oxidanylidene-1~{H}-isoindole-4-carboxamide
5 water water
#
_entity_poly.entity_id   1
_entity_poly.type   'polypeptide(L)'
_entity_poly.pdbx_seq_one_letter_code
;GPLGSPQMAQGTLIRVTPEQPTHAVCVLGTLTQLDICSSAPEDCTSFSINASPGVVVDIAHSPPAKKKSTGSSTWPLDPG
VEVTLTMKAASGSTGDQKVQISYYGPKTPPVKALLYLTAVEISLCADITRTGKVKPTRAVKDQRTWTWGPCGQGAILLVN
CDRDNLESSAMDCEDDEVLDSEDLQDMSLMTLSTKTPKDFFTNHTLVLHVARSEMDKVRVFQATRGKLSSKCSVVLGPKW
PSHYLMVPGGKHNMDFYVEALAFPDTDFPGLITLTISLLDTSNLELPEAVVFQDSVVFRVAPWIMTPNTQPPQEVYACSI
FENEDFLKSVTTLAMKAKCKLTICPEEENMDDQWMQDEMEIGYIQAPHKTLPVVFDSPRNRGLKEFPIKRVMGPDFGYVT
RGPQTGGISGLDSFGNLEVSPPVTVRGKEYPLGRILFGDSCYPSNDSRQMHQALQDFLSAQQVQAPVKLYSDWLSVGHVD
EFLSFVPAPDRKGFRLLLASPRSCYKLFQEQQNEGHGEALLFEGIKKKKQQKIKNILSNKTLREHNSFVERCIDWNRELL
KRELGLAESDIIDIPQLFKLKEFSKAEAFFPNMVNMLVLGKHLGIPKPFGPVINGRCCLEEKVCSLLEPLGLQCTFINDF
FTYHIRHGEVHCGTNVRRKPFSFKWWNMVP
;
_entity_poly.pdbx_strand_id   A
#
loop_
_chem_comp.id
_chem_comp.type
_chem_comp.name
_chem_comp.formula
8FT non-polymer 2-ethyl-~{N}-[(1~{S})-4-(2-fluoranylethanimidoylamino)-1-(4-methoxy-1-methyl-benzimidazol-2-yl)butyl]-3-oxidanylidene-1~{H}-isoindole-4-carboxamide 'C26 H31 F N6 O3'
CA non-polymer 'CALCIUM ION' 'Ca 2'
SO4 non-polymer 'SULFATE ION' 'O4 S -2'
#
# COMPACT_ATOMS: atom_id res chain seq x y z
N GLN A 10 26.83 0.48 -17.76
CA GLN A 10 27.32 1.58 -18.64
C GLN A 10 28.16 0.95 -19.79
N GLY A 11 29.23 1.63 -20.15
CA GLY A 11 30.31 1.12 -20.95
C GLY A 11 31.59 1.84 -20.57
N THR A 12 32.72 1.38 -21.06
CA THR A 12 33.94 2.14 -20.85
C THR A 12 34.69 2.23 -22.14
N LEU A 13 35.37 3.35 -22.32
CA LEU A 13 36.20 3.51 -23.49
C LEU A 13 37.61 3.27 -23.02
N ILE A 14 38.23 2.23 -23.55
CA ILE A 14 39.65 1.95 -23.31
C ILE A 14 40.47 2.50 -24.50
N ARG A 15 41.51 3.25 -24.14
CA ARG A 15 42.27 4.06 -25.04
C ARG A 15 43.59 3.35 -25.07
N VAL A 16 43.93 2.81 -26.24
CA VAL A 16 45.12 1.97 -26.41
C VAL A 16 46.24 2.72 -27.08
N THR A 17 47.48 2.41 -26.71
CA THR A 17 48.63 3.01 -27.39
C THR A 17 49.81 2.06 -27.55
N PRO A 18 50.58 2.23 -28.63
CA PRO A 18 51.90 1.58 -28.72
C PRO A 18 52.97 2.22 -27.84
N GLU A 19 52.77 3.45 -27.37
CA GLU A 19 53.64 4.07 -26.32
C GLU A 19 53.98 3.02 -25.23
N GLN A 20 52.98 2.39 -24.62
CA GLN A 20 53.19 1.25 -23.73
C GLN A 20 51.89 0.43 -23.56
N PRO A 21 51.91 -0.62 -22.72
CA PRO A 21 50.72 -1.43 -22.65
C PRO A 21 49.73 -0.78 -21.70
N THR A 22 48.43 -1.03 -21.88
CA THR A 22 47.46 -0.59 -20.87
C THR A 22 46.87 -1.78 -20.10
N HIS A 23 46.39 -1.46 -18.91
CA HIS A 23 45.81 -2.40 -17.98
C HIS A 23 44.43 -1.89 -17.67
N ALA A 24 43.41 -2.74 -17.79
CA ALA A 24 42.05 -2.34 -17.43
C ALA A 24 41.24 -3.47 -16.82
N VAL A 25 40.20 -3.09 -16.09
CA VAL A 25 39.22 -4.03 -15.53
C VAL A 25 37.99 -4.01 -16.40
N CYS A 26 37.30 -5.14 -16.53
CA CYS A 26 36.05 -5.23 -17.28
C CYS A 26 35.07 -5.98 -16.48
N VAL A 27 33.99 -5.30 -16.10
CA VAL A 27 32.95 -5.96 -15.35
C VAL A 27 32.09 -6.71 -16.33
N LEU A 28 31.88 -8.00 -16.09
CA LEU A 28 30.97 -8.82 -16.92
C LEU A 28 29.57 -8.26 -17.03
N GLY A 29 29.07 -8.22 -18.25
CA GLY A 29 27.75 -7.68 -18.57
C GLY A 29 27.83 -6.23 -18.99
N THR A 30 29.05 -5.70 -19.14
CA THR A 30 29.28 -4.33 -19.49
C THR A 30 29.73 -4.32 -20.91
N LEU A 31 29.43 -3.24 -21.63
CA LEU A 31 29.93 -3.09 -22.99
C LEU A 31 31.26 -2.39 -22.88
N THR A 32 32.35 -3.05 -23.28
CA THR A 32 33.66 -2.38 -23.23
C THR A 32 34.05 -2.00 -24.64
N GLN A 33 34.59 -0.79 -24.79
CA GLN A 33 34.91 -0.24 -26.11
C GLN A 33 36.35 0.23 -26.26
N LEU A 34 36.83 0.18 -27.50
CA LEU A 34 38.23 0.44 -27.79
C LEU A 34 38.46 1.61 -28.73
N ASP A 35 39.26 2.55 -28.24
CA ASP A 35 39.73 3.65 -29.03
C ASP A 35 41.12 3.30 -29.58
N ILE A 36 41.12 3.06 -30.87
CA ILE A 36 42.28 2.57 -31.56
C ILE A 36 42.93 3.70 -32.28
N CYS A 37 42.15 4.56 -32.91
CA CYS A 37 42.73 5.58 -33.77
C CYS A 37 43.41 6.74 -33.04
N SER A 38 43.12 6.93 -31.76
CA SER A 38 43.58 8.14 -31.05
C SER A 38 45.05 8.17 -30.75
N SER A 39 45.73 7.05 -30.88
CA SER A 39 47.17 7.02 -30.75
C SER A 39 47.87 6.08 -31.73
N ALA A 40 47.16 5.62 -32.75
CA ALA A 40 47.77 4.81 -33.77
C ALA A 40 48.98 5.56 -34.27
N PRO A 41 50.13 4.89 -34.35
CA PRO A 41 51.27 5.68 -34.74
C PRO A 41 51.16 6.03 -36.23
N GLU A 42 51.93 7.01 -36.67
CA GLU A 42 51.95 7.34 -38.08
C GLU A 42 52.63 6.22 -38.90
N ASP A 43 52.61 6.34 -40.22
CA ASP A 43 53.04 5.31 -41.16
C ASP A 43 51.92 4.32 -41.46
N CYS A 44 50.73 4.50 -40.90
CA CYS A 44 49.84 3.34 -40.74
C CYS A 44 48.47 3.52 -41.37
N THR A 45 48.09 2.53 -42.16
CA THR A 45 46.81 2.47 -42.82
C THR A 45 45.81 1.65 -42.01
N SER A 46 46.27 0.54 -41.45
CA SER A 46 45.39 -0.57 -41.10
C SER A 46 45.72 -1.13 -39.74
N PHE A 47 44.87 -2.04 -39.28
CA PHE A 47 45.05 -2.72 -38.01
C PHE A 47 44.44 -4.13 -37.97
N SER A 48 44.94 -4.94 -37.04
CA SER A 48 44.41 -6.28 -36.77
C SER A 48 44.34 -6.46 -35.29
N ILE A 49 43.50 -7.38 -34.88
CA ILE A 49 43.29 -7.65 -33.49
C ILE A 49 43.35 -9.13 -33.25
N ASN A 50 44.18 -9.50 -32.29
CA ASN A 50 44.22 -10.84 -31.75
C ASN A 50 43.92 -10.70 -30.27
N ALA A 51 43.28 -11.71 -29.69
CA ALA A 51 42.97 -11.69 -28.28
C ALA A 51 42.95 -13.08 -27.71
N SER A 52 43.26 -13.18 -26.42
CA SER A 52 43.21 -14.46 -25.78
C SER A 52 41.77 -15.02 -25.81
N PRO A 53 41.63 -16.35 -25.68
CA PRO A 53 40.37 -17.03 -25.99
C PRO A 53 39.14 -16.67 -25.13
N GLY A 54 39.36 -16.05 -23.98
CA GLY A 54 38.26 -15.55 -23.15
C GLY A 54 37.68 -14.19 -23.57
N VAL A 55 38.20 -13.56 -24.63
CA VAL A 55 37.77 -12.23 -25.05
C VAL A 55 37.10 -12.31 -26.39
N VAL A 56 35.89 -11.78 -26.49
CA VAL A 56 35.15 -11.73 -27.75
C VAL A 56 35.19 -10.30 -28.29
N VAL A 57 35.57 -10.21 -29.56
CA VAL A 57 35.80 -8.95 -30.26
C VAL A 57 34.78 -8.73 -31.37
N ASP A 58 34.05 -7.61 -31.35
CA ASP A 58 33.13 -7.28 -32.47
C ASP A 58 33.47 -6.01 -33.20
N ILE A 59 33.35 -6.06 -34.52
CA ILE A 59 33.69 -4.93 -35.38
C ILE A 59 32.60 -4.73 -36.44
N ALA A 60 31.85 -3.63 -36.35
CA ALA A 60 30.96 -3.18 -37.45
C ALA A 60 31.56 -1.94 -38.13
N HIS A 61 30.96 -1.54 -39.26
CA HIS A 61 31.36 -0.34 -40.03
C HIS A 61 32.78 -0.44 -40.62
N SER A 73 39.24 -9.78 -42.65
CA SER A 73 39.73 -10.13 -41.31
C SER A 73 40.68 -9.08 -40.68
N THR A 74 41.19 -8.13 -41.48
CA THR A 74 41.84 -6.94 -40.93
C THR A 74 41.16 -5.71 -41.52
N TRP A 75 41.15 -4.62 -40.75
CA TRP A 75 40.33 -3.46 -41.08
C TRP A 75 41.17 -2.20 -41.28
N PRO A 76 40.71 -1.29 -42.16
CA PRO A 76 41.32 0.04 -42.25
C PRO A 76 41.05 0.87 -41.01
N LEU A 77 41.95 1.82 -40.78
CA LEU A 77 42.07 2.55 -39.53
C LEU A 77 41.25 3.87 -39.55
N ASP A 78 39.94 3.71 -39.53
CA ASP A 78 38.98 4.81 -39.72
C ASP A 78 38.33 5.12 -38.35
N PRO A 79 38.36 6.39 -37.90
CA PRO A 79 37.96 6.64 -36.49
C PRO A 79 36.54 6.23 -36.06
N GLY A 80 35.63 6.00 -37.00
CA GLY A 80 34.26 5.61 -36.70
C GLY A 80 34.02 4.13 -36.86
N VAL A 81 35.09 3.38 -37.09
CA VAL A 81 35.01 1.93 -37.02
C VAL A 81 34.87 1.54 -35.55
N GLU A 82 34.03 0.56 -35.28
CA GLU A 82 33.70 0.29 -33.89
C GLU A 82 34.15 -1.09 -33.44
N VAL A 83 34.91 -1.12 -32.34
CA VAL A 83 35.46 -2.33 -31.72
C VAL A 83 35.01 -2.50 -30.25
N THR A 84 34.42 -3.65 -29.94
CA THR A 84 33.91 -3.92 -28.58
C THR A 84 34.34 -5.26 -28.08
N LEU A 85 34.68 -5.29 -26.80
CA LEU A 85 35.11 -6.49 -26.10
C LEU A 85 34.09 -6.89 -25.09
N THR A 86 33.75 -8.16 -25.06
CA THR A 86 33.01 -8.71 -23.93
C THR A 86 33.78 -9.91 -23.40
N MET A 87 33.55 -10.23 -22.13
CA MET A 87 34.31 -11.26 -21.52
C MET A 87 33.45 -12.33 -20.90
N LYS A 88 33.83 -13.56 -21.26
CA LYS A 88 32.99 -14.71 -21.08
C LYS A 88 33.00 -15.10 -19.63
N ALA A 89 34.12 -14.94 -18.94
CA ALA A 89 34.20 -15.35 -17.55
C ALA A 89 35.14 -14.53 -16.72
N ALA A 90 34.92 -14.54 -15.41
CA ALA A 90 35.78 -13.82 -14.48
C ALA A 90 37.21 -14.26 -14.60
N SER A 91 38.14 -13.34 -14.43
CA SER A 91 39.58 -13.66 -14.45
C SER A 91 39.92 -14.44 -13.21
N GLY A 92 40.79 -15.44 -13.35
CA GLY A 92 41.43 -16.15 -12.23
C GLY A 92 42.56 -15.32 -11.61
N SER A 93 43.27 -14.58 -12.45
CA SER A 93 44.21 -13.59 -11.96
C SER A 93 44.37 -12.31 -12.84
N THR A 94 44.89 -11.27 -12.19
CA THR A 94 45.11 -9.99 -12.83
C THR A 94 45.69 -10.11 -14.24
N GLY A 95 45.12 -9.39 -15.19
CA GLY A 95 45.65 -9.36 -16.53
C GLY A 95 45.67 -10.66 -17.28
N ASP A 96 44.94 -11.68 -16.81
CA ASP A 96 44.99 -13.01 -17.47
C ASP A 96 44.37 -13.11 -18.86
N GLN A 97 43.70 -12.07 -19.33
CA GLN A 97 43.20 -12.02 -20.68
C GLN A 97 43.93 -10.86 -21.37
N LYS A 98 44.24 -11.04 -22.66
CA LYS A 98 45.07 -10.10 -23.37
C LYS A 98 44.43 -9.73 -24.68
N VAL A 99 44.73 -8.51 -25.10
CA VAL A 99 44.34 -8.03 -26.41
C VAL A 99 45.56 -7.37 -27.04
N GLN A 100 45.71 -7.53 -28.34
CA GLN A 100 46.91 -7.10 -29.02
C GLN A 100 46.45 -6.49 -30.29
N ILE A 101 46.74 -5.21 -30.46
CA ILE A 101 46.35 -4.49 -31.64
C ILE A 101 47.58 -4.23 -32.42
N SER A 102 47.52 -4.62 -33.70
CA SER A 102 48.65 -4.55 -34.62
C SER A 102 48.35 -3.56 -35.72
N TYR A 103 49.11 -2.45 -35.72
CA TYR A 103 49.04 -1.38 -36.74
C TYR A 103 50.07 -1.61 -37.85
N TYR A 104 49.67 -1.43 -39.10
CA TYR A 104 50.59 -1.65 -40.20
C TYR A 104 50.18 -0.83 -41.41
N GLY A 105 51.12 -0.71 -42.36
CA GLY A 105 50.91 0.07 -43.57
C GLY A 105 51.60 -0.58 -44.75
N PRO A 106 51.48 0.03 -45.94
CA PRO A 106 52.04 -0.58 -47.16
C PRO A 106 53.49 -1.08 -46.99
N LYS A 107 54.35 -0.26 -46.40
CA LYS A 107 55.78 -0.58 -46.25
C LYS A 107 56.23 -0.48 -44.80
N THR A 108 55.31 -0.70 -43.86
CA THR A 108 55.59 -0.43 -42.46
C THR A 108 55.49 -1.70 -41.61
N PRO A 109 56.62 -2.11 -41.01
CA PRO A 109 56.55 -3.37 -40.28
C PRO A 109 55.60 -3.21 -39.07
N PRO A 110 54.75 -4.23 -38.77
CA PRO A 110 53.67 -4.18 -37.76
C PRO A 110 54.09 -3.68 -36.40
N VAL A 111 53.28 -2.86 -35.76
CA VAL A 111 53.57 -2.56 -34.35
C VAL A 111 52.34 -2.82 -33.50
N LYS A 112 52.64 -3.28 -32.30
CA LYS A 112 51.67 -3.91 -31.44
C LYS A 112 51.46 -2.93 -30.28
N ALA A 113 50.19 -2.68 -29.99
CA ALA A 113 49.81 -2.11 -28.73
C ALA A 113 49.14 -3.22 -27.99
N LEU A 114 49.47 -3.31 -26.70
CA LEU A 114 49.02 -4.34 -25.79
C LEU A 114 48.03 -3.82 -24.74
N LEU A 115 46.99 -4.61 -24.53
CA LEU A 115 45.99 -4.36 -23.52
C LEU A 115 45.84 -5.60 -22.65
N TYR A 116 46.18 -5.47 -21.37
CA TYR A 116 45.95 -6.52 -20.39
C TYR A 116 44.65 -6.26 -19.61
N LEU A 117 43.74 -7.22 -19.60
CA LEU A 117 42.45 -7.05 -18.96
C LEU A 117 42.23 -8.00 -17.83
N THR A 118 41.51 -7.54 -16.81
CA THR A 118 41.04 -8.37 -15.72
C THR A 118 39.50 -8.37 -15.71
N ALA A 119 38.88 -9.52 -15.86
CA ALA A 119 37.42 -9.58 -15.81
C ALA A 119 36.94 -9.87 -14.43
N VAL A 120 35.81 -9.29 -14.03
CA VAL A 120 35.21 -9.62 -12.73
C VAL A 120 33.65 -9.70 -12.82
N GLU A 121 33.02 -10.45 -11.90
CA GLU A 121 31.58 -10.33 -11.69
C GLU A 121 31.28 -9.39 -10.52
N ILE A 122 30.42 -8.38 -10.75
CA ILE A 122 29.81 -7.61 -9.66
C ILE A 122 28.29 -7.59 -9.85
N SER A 123 27.58 -8.48 -9.18
CA SER A 123 26.14 -8.55 -9.36
C SER A 123 25.47 -8.17 -8.07
N LEU A 124 24.91 -6.99 -8.03
CA LEU A 124 24.05 -6.64 -6.93
C LEU A 124 22.68 -7.19 -7.28
N CYS A 125 22.16 -8.15 -6.51
CA CYS A 125 20.88 -8.84 -6.87
C CYS A 125 19.77 -8.66 -5.86
N ALA A 126 18.53 -8.63 -6.37
CA ALA A 126 17.31 -8.51 -5.55
C ALA A 126 16.06 -9.10 -6.23
N ASP A 127 14.96 -9.26 -5.51
CA ASP A 127 13.76 -9.85 -6.11
C ASP A 127 13.02 -8.93 -7.09
N ILE A 128 13.57 -8.78 -8.29
CA ILE A 128 12.98 -7.86 -9.27
C ILE A 128 11.88 -8.44 -10.14
N THR A 129 11.69 -9.75 -10.08
CA THR A 129 10.59 -10.42 -10.76
C THR A 129 9.40 -10.69 -9.84
N ARG A 130 9.64 -10.54 -8.54
CA ARG A 130 8.60 -10.53 -7.50
C ARG A 130 8.08 -11.90 -7.23
N THR A 131 9.00 -12.84 -7.04
CA THR A 131 8.70 -14.26 -6.88
C THR A 131 9.32 -14.89 -5.60
N GLY A 132 9.88 -14.09 -4.71
CA GLY A 132 10.58 -14.63 -3.52
C GLY A 132 12.01 -15.11 -3.74
N LYS A 133 12.52 -15.00 -4.97
CA LYS A 133 13.83 -15.53 -5.34
C LYS A 133 14.79 -14.48 -5.87
N VAL A 134 15.93 -14.37 -5.22
CA VAL A 134 16.98 -13.54 -5.70
C VAL A 134 17.90 -14.45 -6.49
N LYS A 135 18.14 -14.14 -7.75
CA LYS A 135 19.09 -14.94 -8.52
C LYS A 135 20.08 -14.07 -9.24
N ASP A 142 20.74 -3.56 -17.92
CA ASP A 142 21.29 -2.23 -17.66
C ASP A 142 20.31 -1.36 -16.87
N GLN A 143 19.17 -1.05 -17.49
CA GLN A 143 18.16 -0.10 -16.95
C GLN A 143 17.71 -0.54 -15.54
N ARG A 144 17.99 0.30 -14.56
CA ARG A 144 17.54 0.10 -13.20
C ARG A 144 16.42 1.10 -13.01
N THR A 145 15.23 0.67 -13.38
CA THR A 145 14.01 1.41 -13.20
C THR A 145 12.99 0.42 -12.65
N TRP A 146 11.96 0.97 -12.05
CA TRP A 146 10.86 0.19 -11.47
C TRP A 146 9.60 0.36 -12.31
N THR A 147 8.96 -0.72 -12.70
CA THR A 147 7.84 -0.55 -13.60
C THR A 147 6.71 -1.39 -13.10
N TRP A 148 5.52 -0.80 -13.10
CA TRP A 148 4.30 -1.48 -12.66
C TRP A 148 3.76 -2.47 -13.70
N GLY A 149 2.87 -3.35 -13.25
CA GLY A 149 2.14 -4.22 -14.14
C GLY A 149 2.69 -5.61 -14.08
N PRO A 150 2.05 -6.54 -14.79
CA PRO A 150 2.56 -7.90 -14.64
C PRO A 150 3.70 -8.16 -15.60
N CYS A 151 3.88 -7.30 -16.59
CA CYS A 151 5.03 -7.36 -17.46
C CYS A 151 6.16 -6.44 -16.94
N GLY A 152 6.04 -5.92 -15.73
CA GLY A 152 7.06 -4.99 -15.24
C GLY A 152 8.02 -5.66 -14.27
N GLN A 153 8.82 -4.83 -13.61
CA GLN A 153 10.05 -5.22 -12.93
C GLN A 153 10.44 -4.27 -11.82
N GLY A 154 10.96 -4.82 -10.71
CA GLY A 154 11.46 -4.04 -9.60
C GLY A 154 11.10 -4.69 -8.27
N ALA A 155 12.07 -4.79 -7.37
CA ALA A 155 11.81 -5.41 -6.08
C ALA A 155 10.86 -4.60 -5.25
N ILE A 156 10.25 -5.29 -4.29
CA ILE A 156 9.33 -4.68 -3.33
C ILE A 156 10.00 -4.66 -1.96
N LEU A 157 9.66 -3.66 -1.16
CA LEU A 157 10.23 -3.43 0.14
C LEU A 157 9.13 -3.02 1.08
N LEU A 158 9.11 -3.56 2.31
CA LEU A 158 8.03 -3.30 3.27
C LEU A 158 8.48 -2.34 4.32
N VAL A 159 7.56 -1.51 4.81
CA VAL A 159 7.89 -0.68 5.94
C VAL A 159 7.77 -1.55 7.16
N ASN A 160 8.87 -1.60 7.91
CA ASN A 160 8.99 -2.51 9.03
C ASN A 160 8.39 -1.88 10.29
N CYS A 161 7.06 -1.74 10.22
CA CYS A 161 6.27 -0.92 11.13
C CYS A 161 5.50 -1.74 12.18
N ASP A 162 5.76 -3.05 12.23
CA ASP A 162 5.24 -3.93 13.30
C ASP A 162 6.20 -4.00 14.50
N ARG A 163 5.76 -4.72 15.53
CA ARG A 163 6.53 -4.99 16.75
C ARG A 163 6.64 -6.49 16.89
N ASP A 164 7.72 -7.04 16.33
CA ASP A 164 8.11 -8.45 16.53
C ASP A 164 8.86 -8.58 17.85
N ASN A 165 9.64 -7.54 18.15
CA ASN A 165 10.22 -7.37 19.46
C ASN A 165 9.12 -7.41 20.52
N LEU A 166 9.12 -8.49 21.28
CA LEU A 166 8.09 -8.79 22.26
C LEU A 166 8.24 -7.77 23.38
N GLU A 167 9.47 -7.35 23.62
CA GLU A 167 9.82 -6.53 24.77
C GLU A 167 9.13 -5.16 24.84
N SER A 168 9.45 -4.29 23.89
CA SER A 168 9.13 -2.85 24.03
C SER A 168 7.98 -2.43 23.12
N SER A 169 7.77 -1.12 23.01
CA SER A 169 6.55 -0.54 22.42
C SER A 169 6.77 0.24 21.11
N ALA A 170 7.96 0.14 20.54
CA ALA A 170 8.32 0.87 19.33
C ALA A 170 8.25 -0.04 18.13
N MET A 171 8.06 0.57 16.95
CA MET A 171 8.19 -0.13 15.69
C MET A 171 9.62 -0.65 15.59
N ASP A 172 9.76 -1.88 15.09
CA ASP A 172 11.07 -2.48 14.82
C ASP A 172 12.09 -1.54 14.18
N CYS A 173 11.64 -0.75 13.22
CA CYS A 173 12.49 0.07 12.35
C CYS A 173 12.95 1.42 12.94
N GLU A 174 12.47 1.77 14.14
CA GLU A 174 12.89 3.05 14.76
C GLU A 174 14.33 3.07 15.31
N ASP A 175 14.93 1.90 15.57
CA ASP A 175 16.29 1.84 16.12
C ASP A 175 17.23 1.34 15.01
N ASP A 176 18.50 1.10 15.36
CA ASP A 176 19.51 0.65 14.38
C ASP A 176 19.87 -0.86 14.36
N GLU A 177 19.08 -1.72 15.03
CA GLU A 177 19.44 -3.16 15.23
C GLU A 177 18.34 -4.17 14.83
N VAL A 178 18.76 -5.35 14.37
CA VAL A 178 17.90 -6.55 14.27
C VAL A 178 18.01 -7.33 15.59
N LEU A 179 16.93 -7.36 16.36
CA LEU A 179 16.95 -7.98 17.68
C LEU A 179 16.41 -9.40 17.66
N ASP A 180 15.36 -9.64 16.89
CA ASP A 180 14.84 -11.00 16.68
C ASP A 180 15.27 -11.47 15.31
N SER A 181 15.23 -12.76 15.08
CA SER A 181 15.53 -13.25 13.75
C SER A 181 14.24 -13.32 12.95
N GLU A 182 13.11 -13.38 13.66
CA GLU A 182 11.77 -13.26 13.08
C GLU A 182 11.68 -11.99 12.24
N ASP A 183 12.25 -10.92 12.79
CA ASP A 183 12.30 -9.59 12.17
C ASP A 183 12.80 -9.66 10.71
N LEU A 184 13.80 -10.48 10.46
CA LEU A 184 14.30 -10.67 9.10
C LEU A 184 13.26 -11.13 8.10
N GLN A 185 12.20 -11.77 8.54
CA GLN A 185 11.18 -12.25 7.61
C GLN A 185 10.49 -11.07 6.95
N ASP A 186 10.44 -9.94 7.66
CA ASP A 186 9.82 -8.73 7.15
C ASP A 186 10.68 -8.00 6.13
N MET A 187 12.00 -8.22 6.20
CA MET A 187 12.99 -7.49 5.42
C MET A 187 13.21 -8.10 4.04
N SER A 188 13.82 -7.32 3.17
CA SER A 188 14.02 -7.74 1.78
C SER A 188 15.50 -8.07 1.60
N LEU A 189 15.76 -9.11 0.79
CA LEU A 189 17.06 -9.69 0.68
C LEU A 189 17.69 -9.12 -0.55
N MET A 190 18.91 -8.60 -0.40
CA MET A 190 19.75 -8.16 -1.51
C MET A 190 21.09 -8.89 -1.41
N THR A 191 21.55 -9.47 -2.53
CA THR A 191 22.81 -10.19 -2.46
C THR A 191 23.83 -9.67 -3.46
N LEU A 192 24.99 -9.31 -2.94
CA LEU A 192 26.14 -8.95 -3.75
C LEU A 192 26.90 -10.20 -4.07
N SER A 193 27.19 -10.38 -5.33
CA SER A 193 27.75 -11.59 -5.79
C SER A 193 28.96 -11.22 -6.64
N THR A 194 30.14 -11.52 -6.13
CA THR A 194 31.40 -11.18 -6.78
C THR A 194 32.18 -12.39 -7.22
N LYS A 195 32.92 -12.22 -8.30
CA LYS A 195 33.87 -13.21 -8.72
C LYS A 195 35.11 -12.49 -9.26
N THR A 196 36.20 -12.59 -8.49
CA THR A 196 37.44 -11.87 -8.78
C THR A 196 38.70 -12.69 -8.50
N PRO A 197 39.83 -12.26 -9.09
CA PRO A 197 41.14 -12.77 -8.69
C PRO A 197 41.32 -12.65 -7.21
N LYS A 198 42.17 -13.47 -6.64
CA LYS A 198 42.30 -13.55 -5.19
C LYS A 198 42.82 -12.29 -4.57
N ASP A 199 43.57 -11.50 -5.33
CA ASP A 199 44.22 -10.30 -4.79
C ASP A 199 43.54 -9.03 -5.23
N PHE A 200 42.29 -9.13 -5.68
CA PHE A 200 41.70 -8.04 -6.45
C PHE A 200 41.42 -6.81 -5.61
N PHE A 201 41.01 -7.04 -4.35
CA PHE A 201 40.65 -5.97 -3.45
C PHE A 201 41.87 -5.50 -2.70
N THR A 202 43.05 -5.86 -3.21
CA THR A 202 44.30 -5.20 -2.92
C THR A 202 44.24 -3.77 -3.46
N ASN A 203 43.92 -3.65 -4.74
CA ASN A 203 43.86 -2.36 -5.46
C ASN A 203 42.44 -1.83 -5.75
N HIS A 204 41.39 -2.53 -5.33
CA HIS A 204 40.03 -2.04 -5.52
C HIS A 204 39.21 -2.15 -4.28
N THR A 205 38.31 -1.22 -4.10
CA THR A 205 37.37 -1.28 -3.01
C THR A 205 35.91 -1.12 -3.57
N LEU A 206 34.98 -1.87 -3.01
CA LEU A 206 33.57 -1.70 -3.31
C LEU A 206 32.87 -0.89 -2.22
N VAL A 207 32.02 0.05 -2.62
CA VAL A 207 31.23 0.77 -1.65
C VAL A 207 29.74 0.66 -1.98
N LEU A 208 28.92 0.54 -0.94
CA LEU A 208 27.49 0.40 -1.09
C LEU A 208 26.92 1.72 -0.65
N HIS A 209 25.89 2.22 -1.34
CA HIS A 209 25.34 3.52 -0.96
C HIS A 209 23.93 3.84 -1.39
N VAL A 210 23.43 4.92 -0.83
CA VAL A 210 22.10 5.42 -1.07
C VAL A 210 22.19 6.94 -1.01
N ALA A 211 21.47 7.62 -1.89
CA ALA A 211 21.40 9.06 -1.85
C ALA A 211 21.03 9.65 -0.46
N ARG A 212 21.58 10.81 -0.11
CA ARG A 212 21.22 11.46 1.17
C ARG A 212 19.72 11.76 1.28
N SER A 213 19.17 12.08 0.13
CA SER A 213 17.76 12.18 -0.16
C SER A 213 16.95 11.00 0.38
N GLU A 214 17.47 9.79 0.30
CA GLU A 214 16.71 8.62 0.68
C GLU A 214 17.20 7.90 1.92
N MET A 215 18.35 8.29 2.46
CA MET A 215 18.92 7.55 3.62
C MET A 215 18.03 7.54 4.88
N ASP A 216 17.31 8.63 5.15
CA ASP A 216 16.31 8.63 6.21
C ASP A 216 15.08 7.76 5.96
N LYS A 217 15.03 6.99 4.87
CA LYS A 217 13.85 6.15 4.56
C LYS A 217 14.12 4.67 4.39
N VAL A 218 15.35 4.23 4.62
CA VAL A 218 15.71 2.87 4.38
C VAL A 218 16.78 2.56 5.38
N ARG A 219 16.87 1.30 5.75
CA ARG A 219 17.96 0.80 6.55
C ARG A 219 18.39 -0.56 6.03
N VAL A 220 19.71 -0.77 5.99
CA VAL A 220 20.30 -1.92 5.35
C VAL A 220 21.29 -2.61 6.29
N PHE A 221 21.08 -3.89 6.50
CA PHE A 221 21.93 -4.68 7.39
C PHE A 221 22.77 -5.68 6.62
N GLN A 222 24.02 -5.84 7.07
CA GLN A 222 24.89 -6.84 6.50
C GLN A 222 24.74 -8.06 7.33
N ALA A 223 24.57 -9.18 6.63
CA ALA A 223 24.39 -10.47 7.24
C ALA A 223 25.62 -11.31 7.03
N THR A 224 26.12 -11.79 8.17
CA THR A 224 27.45 -12.37 8.30
C THR A 224 27.32 -13.86 8.57
N LYS A 231 23.80 -13.43 11.66
CA LYS A 231 23.82 -12.16 12.40
C LYS A 231 24.03 -10.95 11.47
N CYS A 232 23.82 -9.75 12.01
CA CYS A 232 23.50 -8.57 11.20
C CYS A 232 23.92 -7.28 11.84
N SER A 233 24.67 -6.46 11.12
CA SER A 233 24.96 -5.12 11.61
C SER A 233 24.65 -4.09 10.54
N VAL A 234 24.03 -3.00 10.95
CA VAL A 234 23.64 -1.97 10.03
C VAL A 234 24.87 -1.48 9.23
N VAL A 235 24.67 -1.28 7.93
CA VAL A 235 25.66 -0.65 7.09
C VAL A 235 25.18 0.58 6.37
N LEU A 236 23.87 0.67 6.07
CA LEU A 236 23.29 1.91 5.59
C LEU A 236 22.05 2.33 6.30
N GLY A 237 21.83 3.62 6.43
CA GLY A 237 20.69 4.07 7.17
C GLY A 237 20.68 5.56 7.34
N PRO A 238 19.76 6.06 8.18
CA PRO A 238 19.62 7.49 8.33
C PRO A 238 20.89 8.19 8.72
N LYS A 239 21.71 7.53 9.49
CA LYS A 239 22.97 8.12 9.92
C LYS A 239 24.11 8.03 8.86
N TRP A 240 24.17 6.92 8.11
CA TRP A 240 25.21 6.70 7.13
C TRP A 240 24.61 6.38 5.79
N PRO A 241 25.05 7.07 4.75
CA PRO A 241 24.66 6.80 3.37
C PRO A 241 25.66 6.04 2.50
N SER A 242 26.86 5.74 3.02
CA SER A 242 27.77 4.89 2.28
C SER A 242 28.59 4.06 3.23
N HIS A 243 29.05 2.91 2.73
CA HIS A 243 29.80 1.97 3.50
C HIS A 243 30.76 1.13 2.66
N TYR A 244 32.04 1.17 3.04
CA TYR A 244 33.08 0.39 2.37
C TYR A 244 32.86 -1.05 2.71
N LEU A 245 32.73 -1.91 1.73
CA LEU A 245 32.44 -3.31 2.00
C LEU A 245 33.73 -4.07 2.10
N MET A 246 33.77 -5.05 3.00
CA MET A 246 34.95 -5.86 3.25
C MET A 246 34.73 -7.15 2.53
N VAL A 247 35.35 -7.33 1.40
CA VAL A 247 35.04 -8.44 0.51
C VAL A 247 36.30 -9.21 0.06
N PRO A 248 36.34 -10.51 0.30
CA PRO A 248 37.49 -11.29 -0.16
C PRO A 248 37.51 -11.52 -1.67
N GLY A 249 38.70 -11.58 -2.26
CA GLY A 249 38.85 -12.02 -3.62
C GLY A 249 38.34 -13.46 -3.79
N GLY A 250 38.21 -13.89 -5.05
CA GLY A 250 37.58 -15.18 -5.38
C GLY A 250 36.10 -15.05 -5.70
N LYS A 251 35.34 -16.12 -5.39
CA LYS A 251 33.86 -16.19 -5.45
C LYS A 251 33.34 -15.86 -4.07
N HIS A 252 32.56 -14.79 -3.91
CA HIS A 252 31.95 -14.48 -2.61
C HIS A 252 30.53 -13.94 -2.80
N ASN A 253 29.71 -14.20 -1.77
CA ASN A 253 28.31 -13.82 -1.77
C ASN A 253 28.01 -13.18 -0.43
N MET A 254 27.50 -11.97 -0.47
CA MET A 254 27.26 -11.20 0.72
C MET A 254 25.78 -10.87 0.76
N ASP A 255 25.16 -11.08 1.92
CA ASP A 255 23.72 -10.99 2.04
C ASP A 255 23.42 -9.74 2.81
N PHE A 256 22.46 -8.98 2.27
CA PHE A 256 21.94 -7.80 2.95
C PHE A 256 20.46 -7.93 3.16
N TYR A 257 20.02 -7.32 4.25
CA TYR A 257 18.63 -7.30 4.62
C TYR A 257 18.24 -5.84 4.67
N VAL A 258 17.14 -5.50 3.99
CA VAL A 258 16.64 -4.12 3.86
C VAL A 258 15.22 -3.93 4.41
N GLU A 259 15.03 -2.87 5.17
CA GLU A 259 13.74 -2.46 5.66
C GLU A 259 13.55 -1.02 5.24
N ALA A 260 12.31 -0.64 4.94
CA ALA A 260 11.95 0.75 4.72
C ALA A 260 11.44 1.30 6.02
N LEU A 261 11.46 2.62 6.19
CA LEU A 261 11.00 3.29 7.44
C LEU A 261 9.94 4.36 7.28
N ALA A 262 9.41 4.46 6.07
CA ALA A 262 8.50 5.51 5.68
C ALA A 262 7.66 4.95 4.58
N PHE A 263 6.37 5.19 4.66
CA PHE A 263 5.44 4.84 3.57
C PHE A 263 5.54 5.91 2.52
N PRO A 264 5.14 5.58 1.27
CA PRO A 264 4.95 6.61 0.28
C PRO A 264 4.10 7.73 0.84
N ASP A 265 4.42 8.96 0.51
CA ASP A 265 3.69 10.06 1.05
C ASP A 265 3.91 11.19 0.11
N THR A 266 3.34 12.33 0.46
CA THR A 266 3.40 13.50 -0.37
C THR A 266 4.83 13.92 -0.78
N ASP A 267 5.78 13.73 0.12
CA ASP A 267 7.16 14.16 -0.06
C ASP A 267 8.07 12.97 -0.38
N PHE A 268 7.48 11.80 -0.66
CA PHE A 268 8.21 10.56 -0.92
C PHE A 268 7.45 9.68 -1.89
N PRO A 269 7.90 9.60 -3.13
CA PRO A 269 7.10 8.84 -4.11
C PRO A 269 7.21 7.36 -3.94
N GLY A 270 8.20 6.88 -3.22
CA GLY A 270 8.18 5.51 -2.72
C GLY A 270 9.24 4.61 -3.31
N LEU A 271 10.15 5.17 -4.10
CA LEU A 271 11.28 4.43 -4.63
C LEU A 271 12.51 4.69 -3.78
N ILE A 272 13.27 3.63 -3.55
CA ILE A 272 14.56 3.74 -2.92
C ILE A 272 15.58 2.98 -3.71
N THR A 273 16.70 3.65 -4.04
CA THR A 273 17.71 3.11 -4.94
C THR A 273 18.98 2.89 -4.15
N LEU A 274 19.51 1.69 -4.28
CA LEU A 274 20.73 1.32 -3.56
C LEU A 274 21.79 1.02 -4.60
N THR A 275 22.99 1.56 -4.42
CA THR A 275 24.01 1.46 -5.45
C THR A 275 25.31 0.83 -4.92
N ILE A 276 25.92 0.01 -5.78
CA ILE A 276 27.26 -0.55 -5.59
C ILE A 276 28.17 0.17 -6.57
N SER A 277 29.20 0.80 -6.02
CA SER A 277 30.27 1.42 -6.79
C SER A 277 31.59 0.63 -6.62
N LEU A 278 32.32 0.43 -7.71
CA LEU A 278 33.65 -0.17 -7.70
C LEU A 278 34.69 0.93 -7.90
N LEU A 279 35.60 1.08 -6.94
CA LEU A 279 36.68 2.08 -6.96
C LEU A 279 38.07 1.51 -7.21
N ASP A 280 38.83 2.17 -8.08
CA ASP A 280 40.25 1.86 -8.24
C ASP A 280 41.05 2.63 -7.19
N THR A 281 41.79 1.90 -6.37
CA THR A 281 42.60 2.45 -5.28
C THR A 281 44.09 2.11 -5.47
N SER A 282 44.48 1.78 -6.70
CA SER A 282 45.84 1.45 -7.09
C SER A 282 46.90 2.48 -6.76
N ASN A 283 46.57 3.74 -6.92
CA ASN A 283 47.51 4.82 -6.72
C ASN A 283 47.28 5.41 -5.38
N LEU A 284 48.34 5.44 -4.59
CA LEU A 284 48.24 5.79 -3.18
C LEU A 284 48.24 7.30 -2.95
N GLU A 285 48.59 8.02 -4.02
CA GLU A 285 48.76 9.46 -4.03
C GLU A 285 47.47 10.09 -4.57
N LEU A 286 46.93 9.52 -5.66
CA LEU A 286 45.70 10.00 -6.26
C LEU A 286 44.43 9.58 -5.48
N PRO A 287 43.34 10.34 -5.65
CA PRO A 287 42.05 9.86 -5.12
C PRO A 287 41.49 8.65 -5.85
N GLU A 288 40.58 7.98 -5.16
CA GLU A 288 39.89 6.83 -5.72
C GLU A 288 39.12 7.19 -6.97
N ALA A 289 39.10 6.26 -7.91
CA ALA A 289 38.54 6.49 -9.22
C ALA A 289 37.40 5.50 -9.49
N VAL A 290 36.22 5.99 -9.85
CA VAL A 290 35.08 5.08 -10.07
C VAL A 290 35.26 4.34 -11.37
N VAL A 291 35.06 3.05 -11.32
CA VAL A 291 35.20 2.19 -12.48
C VAL A 291 33.89 1.64 -13.00
N PHE A 292 32.91 1.47 -12.11
CA PHE A 292 31.68 0.71 -12.42
C PHE A 292 30.61 1.05 -11.39
N GLN A 293 29.36 1.21 -11.83
CA GLN A 293 28.23 1.27 -10.90
C GLN A 293 27.10 0.41 -11.37
N ASP A 294 26.39 -0.20 -10.42
CA ASP A 294 25.11 -0.85 -10.69
C ASP A 294 24.14 -0.56 -9.51
N SER A 295 22.84 -0.74 -9.76
CA SER A 295 21.82 -0.45 -8.76
C SER A 295 20.67 -1.45 -8.73
N VAL A 296 19.91 -1.41 -7.65
CA VAL A 296 18.60 -1.97 -7.67
C VAL A 296 17.71 -0.86 -7.17
N VAL A 297 16.47 -0.88 -7.65
CA VAL A 297 15.49 0.11 -7.22
C VAL A 297 14.39 -0.70 -6.52
N PHE A 298 14.00 -0.23 -5.33
CA PHE A 298 12.96 -0.85 -4.57
C PHE A 298 11.81 0.09 -4.58
N ARG A 299 10.62 -0.48 -4.49
CA ARG A 299 9.46 0.33 -4.28
C ARG A 299 8.88 -0.05 -2.97
N VAL A 300 8.63 0.95 -2.13
CA VAL A 300 8.12 0.73 -0.81
C VAL A 300 6.67 0.41 -1.02
N ALA A 301 6.24 -0.74 -0.50
CA ALA A 301 4.82 -1.18 -0.52
C ALA A 301 3.83 -0.25 0.18
N PRO A 302 2.74 0.11 -0.53
CA PRO A 302 1.70 0.93 0.03
C PRO A 302 0.86 0.20 1.01
N TRP A 303 0.21 1.00 1.85
CA TRP A 303 -0.82 0.59 2.78
C TRP A 303 -2.13 0.49 2.03
N ILE A 304 -2.83 -0.62 2.23
CA ILE A 304 -3.98 -0.98 1.41
C ILE A 304 -5.15 -1.36 2.30
N MET A 305 -6.36 -0.90 1.96
CA MET A 305 -7.57 -1.20 2.77
C MET A 305 -8.30 -2.42 2.22
N THR A 306 -9.23 -2.95 3.03
CA THR A 306 -10.09 -4.09 2.63
C THR A 306 -11.55 -3.73 2.67
N PRO A 307 -12.23 -3.86 1.55
CA PRO A 307 -13.66 -3.61 1.55
C PRO A 307 -14.42 -4.68 2.29
N ASN A 308 -15.69 -4.40 2.55
CA ASN A 308 -16.59 -5.31 3.26
C ASN A 308 -16.87 -6.58 2.50
N THR A 309 -16.58 -6.58 1.22
CA THR A 309 -16.67 -7.77 0.42
C THR A 309 -15.52 -8.76 0.62
N GLN A 310 -14.55 -8.46 1.47
CA GLN A 310 -13.44 -9.37 1.69
C GLN A 310 -13.75 -10.14 2.96
N PRO A 311 -13.55 -11.48 2.94
CA PRO A 311 -13.88 -12.38 4.07
C PRO A 311 -13.29 -11.92 5.41
N PRO A 312 -14.11 -11.91 6.44
CA PRO A 312 -13.66 -11.35 7.70
C PRO A 312 -12.82 -12.34 8.49
N GLN A 313 -11.93 -11.82 9.32
CA GLN A 313 -11.02 -12.64 10.13
C GLN A 313 -11.00 -12.30 11.61
N GLU A 314 -11.33 -11.08 11.99
CA GLU A 314 -11.23 -10.72 13.39
C GLU A 314 -12.09 -9.52 13.60
N VAL A 315 -12.78 -9.46 14.74
CA VAL A 315 -13.77 -8.42 14.99
C VAL A 315 -13.47 -7.72 16.28
N TYR A 316 -13.75 -6.42 16.33
CA TYR A 316 -13.38 -5.54 17.45
C TYR A 316 -14.56 -4.77 18.01
N ALA A 317 -14.60 -4.62 19.34
CA ALA A 317 -15.56 -3.74 19.99
C ALA A 317 -15.06 -3.25 21.34
N CYS A 318 -15.89 -2.43 21.97
CA CYS A 318 -15.71 -2.06 23.36
C CYS A 318 -16.78 -2.74 24.23
N SER A 319 -16.50 -2.83 25.53
CA SER A 319 -17.49 -3.20 26.54
C SER A 319 -17.60 -2.02 27.50
N ILE A 320 -18.83 -1.57 27.74
CA ILE A 320 -19.10 -0.45 28.65
C ILE A 320 -20.33 -0.77 29.49
N PHE A 321 -20.81 0.21 30.26
CA PHE A 321 -21.98 0.04 31.12
C PHE A 321 -23.27 -0.23 30.30
N GLU A 322 -24.03 -1.24 30.73
CA GLU A 322 -25.32 -1.62 30.12
C GLU A 322 -25.18 -1.95 28.62
N ASN A 323 -24.04 -2.53 28.27
CA ASN A 323 -23.68 -2.93 26.92
C ASN A 323 -23.93 -4.42 26.59
N GLU A 324 -23.96 -5.25 27.63
CA GLU A 324 -23.80 -6.71 27.53
C GLU A 324 -24.53 -7.42 26.36
N ASP A 325 -25.74 -6.95 26.07
CA ASP A 325 -26.66 -7.65 25.17
C ASP A 325 -26.35 -7.37 23.71
N PHE A 326 -25.88 -6.15 23.43
CA PHE A 326 -25.26 -5.80 22.15
C PHE A 326 -24.11 -6.76 21.86
N LEU A 327 -23.18 -6.88 22.83
CA LEU A 327 -21.98 -7.72 22.67
C LEU A 327 -22.22 -9.24 22.43
N LYS A 328 -23.33 -9.79 22.94
CA LYS A 328 -23.65 -11.21 22.71
C LYS A 328 -24.10 -11.39 21.28
N SER A 329 -24.93 -10.46 20.80
CA SER A 329 -25.42 -10.51 19.42
C SER A 329 -24.25 -10.50 18.45
N VAL A 330 -23.26 -9.65 18.77
CA VAL A 330 -22.06 -9.48 17.95
C VAL A 330 -21.22 -10.77 18.03
N THR A 331 -21.05 -11.27 19.26
CA THR A 331 -20.32 -12.52 19.53
C THR A 331 -20.90 -13.70 18.72
N THR A 332 -22.23 -13.78 18.70
CA THR A 332 -22.93 -14.84 17.98
C THR A 332 -22.60 -14.77 16.47
N LEU A 333 -22.57 -13.53 15.99
CA LEU A 333 -22.38 -13.25 14.57
C LEU A 333 -20.94 -13.57 14.13
N ALA A 334 -19.98 -13.14 14.92
CA ALA A 334 -18.57 -13.50 14.72
C ALA A 334 -18.41 -15.00 14.57
N MET A 335 -18.94 -15.70 15.55
CA MET A 335 -18.87 -17.14 15.56
C MET A 335 -19.40 -17.78 14.28
N LYS A 336 -20.47 -17.23 13.75
CA LYS A 336 -21.02 -17.75 12.50
C LYS A 336 -20.19 -17.41 11.28
N ALA A 337 -19.32 -16.41 11.40
CA ALA A 337 -18.44 -15.97 10.32
C ALA A 337 -16.99 -16.37 10.52
N LYS A 338 -16.74 -17.24 11.50
CA LYS A 338 -15.46 -17.89 11.71
C LYS A 338 -14.43 -16.93 12.30
N CYS A 339 -14.88 -15.84 12.89
CA CYS A 339 -13.96 -14.77 13.16
C CYS A 339 -13.46 -14.84 14.55
N LYS A 340 -12.16 -14.68 14.70
CA LYS A 340 -11.59 -14.31 15.96
C LYS A 340 -12.37 -13.09 16.51
N LEU A 341 -12.57 -13.02 17.81
CA LEU A 341 -13.20 -11.86 18.42
C LEU A 341 -12.19 -11.22 19.31
N THR A 342 -12.39 -9.93 19.56
CA THR A 342 -11.46 -9.09 20.32
C THR A 342 -12.21 -7.87 20.91
N ILE A 343 -12.17 -7.71 22.24
CA ILE A 343 -12.92 -6.65 22.95
C ILE A 343 -11.95 -5.75 23.73
N CYS A 344 -12.42 -4.55 24.04
CA CYS A 344 -11.64 -3.57 24.75
C CYS A 344 -12.40 -3.13 26.01
N PRO A 345 -11.89 -3.47 27.20
CA PRO A 345 -12.59 -3.21 28.46
C PRO A 345 -12.53 -1.74 28.89
N GLU A 346 -13.53 -1.31 29.67
CA GLU A 346 -13.67 0.11 30.09
C GLU A 346 -12.44 0.77 30.75
N GLU A 347 -11.51 -0.02 31.28
CA GLU A 347 -10.24 0.50 31.84
C GLU A 347 -9.38 1.11 30.73
N GLU A 348 -9.47 0.55 29.53
CA GLU A 348 -8.73 1.04 28.37
C GLU A 348 -9.58 1.96 27.49
N ASN A 349 -10.85 1.58 27.20
CA ASN A 349 -11.82 2.44 26.46
C ASN A 349 -11.76 3.86 26.91
N MET A 350 -11.86 4.04 28.24
CA MET A 350 -12.06 5.32 28.87
C MET A 350 -13.37 5.95 28.42
N ASP A 351 -14.42 5.12 28.32
CA ASP A 351 -15.78 5.54 27.89
C ASP A 351 -15.97 5.58 26.38
N ASP A 352 -14.90 5.35 25.60
CA ASP A 352 -14.95 5.46 24.14
C ASP A 352 -15.43 4.14 23.54
N GLN A 353 -16.68 4.13 23.07
CA GLN A 353 -17.32 2.91 22.58
C GLN A 353 -17.18 2.72 21.08
N TRP A 354 -16.66 3.77 20.41
CA TRP A 354 -16.65 3.88 18.94
C TRP A 354 -15.38 3.28 18.35
N MET A 355 -15.33 1.95 18.32
CA MET A 355 -14.17 1.19 17.81
C MET A 355 -13.91 1.43 16.30
N GLN A 356 -14.95 1.82 15.57
CA GLN A 356 -14.86 2.16 14.16
C GLN A 356 -13.95 3.35 13.91
N ASP A 357 -14.01 4.32 14.80
CA ASP A 357 -13.54 5.63 14.48
C ASP A 357 -12.08 5.86 14.73
N GLU A 358 -11.46 5.15 15.66
CA GLU A 358 -10.09 5.50 16.02
C GLU A 358 -9.13 4.80 15.05
N MET A 359 -9.57 3.76 14.34
CA MET A 359 -8.59 3.00 13.56
C MET A 359 -9.12 2.35 12.29
N GLU A 360 -8.22 1.99 11.39
CA GLU A 360 -8.58 1.23 10.18
C GLU A 360 -7.54 0.17 9.87
N ILE A 361 -7.98 -1.06 9.64
CA ILE A 361 -7.07 -2.18 9.51
C ILE A 361 -6.89 -2.50 8.06
N GLY A 362 -5.68 -2.27 7.58
CA GLY A 362 -5.28 -2.51 6.21
C GLY A 362 -4.16 -3.51 6.23
N TYR A 363 -3.47 -3.65 5.11
CA TYR A 363 -2.33 -4.50 5.02
C TYR A 363 -1.19 -3.90 4.20
N ILE A 364 -0.03 -4.55 4.22
CA ILE A 364 1.05 -4.26 3.31
C ILE A 364 1.53 -5.59 2.84
N GLN A 365 2.12 -5.63 1.66
CA GLN A 365 2.24 -6.88 0.95
C GLN A 365 3.48 -6.87 0.09
N ALA A 366 4.32 -7.86 0.32
CA ALA A 366 5.46 -8.14 -0.52
C ALA A 366 5.45 -9.62 -0.88
N PRO A 367 6.23 -10.02 -1.90
CA PRO A 367 6.20 -11.44 -2.32
C PRO A 367 6.58 -12.43 -1.23
N HIS A 368 7.43 -11.97 -0.32
CA HIS A 368 7.97 -12.73 0.78
C HIS A 368 7.22 -12.53 2.11
N LYS A 369 6.29 -11.58 2.16
CA LYS A 369 5.66 -11.26 3.44
C LYS A 369 4.44 -10.38 3.23
N THR A 370 3.41 -10.66 4.00
CA THR A 370 2.18 -9.90 3.96
C THR A 370 1.79 -9.75 5.40
N LEU A 371 1.40 -8.57 5.80
CA LEU A 371 1.00 -8.43 7.15
C LEU A 371 0.07 -7.26 7.35
N PRO A 372 -0.89 -7.41 8.26
CA PRO A 372 -1.85 -6.36 8.52
C PRO A 372 -1.20 -5.19 9.18
N VAL A 373 -1.79 -4.00 9.02
CA VAL A 373 -1.26 -2.77 9.54
C VAL A 373 -2.41 -1.84 9.86
N VAL A 374 -2.37 -1.25 11.04
CA VAL A 374 -3.43 -0.43 11.52
C VAL A 374 -3.11 0.97 11.15
N PHE A 375 -4.04 1.59 10.47
CA PHE A 375 -3.94 3.00 10.30
C PHE A 375 -4.72 3.61 11.50
N ASP A 376 -4.02 4.42 12.27
CA ASP A 376 -4.50 4.91 13.54
C ASP A 376 -4.77 6.37 13.39
N SER A 377 -6.03 6.70 13.53
CA SER A 377 -6.54 8.04 13.27
C SER A 377 -6.02 8.99 14.34
N PRO A 378 -5.76 10.23 13.98
CA PRO A 378 -5.40 11.23 14.98
C PRO A 378 -6.60 11.71 15.83
N ARG A 379 -7.77 11.11 15.65
CA ARG A 379 -8.95 11.36 16.47
C ARG A 379 -8.56 11.52 17.93
N ASN A 380 -7.83 10.53 18.46
CA ASN A 380 -7.22 10.64 19.82
C ASN A 380 -8.22 10.93 20.98
N ARG A 381 -9.33 10.20 20.99
CA ARG A 381 -10.24 10.18 22.14
C ARG A 381 -9.86 9.02 23.06
N GLY A 382 -10.80 8.57 23.89
CA GLY A 382 -10.57 7.46 24.81
C GLY A 382 -9.84 6.21 24.31
N LEU A 383 -9.97 5.89 23.02
CA LEU A 383 -9.37 4.66 22.48
C LEU A 383 -7.93 4.88 22.06
N LYS A 384 -7.43 6.09 22.28
CA LYS A 384 -6.12 6.57 21.83
C LYS A 384 -4.98 5.53 21.87
N GLU A 385 -4.96 4.69 22.90
CA GLU A 385 -3.89 3.73 23.13
C GLU A 385 -4.17 2.39 22.49
N PHE A 386 -5.44 2.11 22.21
CA PHE A 386 -5.85 0.78 21.71
C PHE A 386 -5.05 0.30 20.48
N PRO A 387 -4.86 1.18 19.47
CA PRO A 387 -4.08 0.77 18.29
C PRO A 387 -2.59 0.51 18.62
N ILE A 388 -2.01 1.34 19.47
CA ILE A 388 -0.61 1.17 19.84
C ILE A 388 -0.45 -0.10 20.71
N LYS A 389 -1.19 -0.11 21.82
CA LYS A 389 -0.97 -1.08 22.90
C LYS A 389 -1.47 -2.47 22.54
N ARG A 390 -2.64 -2.57 21.91
CA ARG A 390 -3.29 -3.87 21.75
C ARG A 390 -3.31 -4.39 20.33
N VAL A 391 -3.19 -3.53 19.32
CA VAL A 391 -3.32 -3.97 17.91
C VAL A 391 -1.96 -4.15 17.21
N MET A 392 -1.08 -3.16 17.39
CA MET A 392 0.29 -3.24 16.89
C MET A 392 1.01 -4.35 17.63
N GLY A 393 1.68 -5.23 16.88
CA GLY A 393 2.33 -6.39 17.49
C GLY A 393 3.03 -7.35 16.56
N PRO A 394 3.27 -8.57 17.02
CA PRO A 394 3.92 -9.56 16.17
C PRO A 394 3.16 -9.78 14.88
N ASP A 395 3.74 -9.39 13.75
CA ASP A 395 3.05 -9.44 12.44
C ASP A 395 1.77 -8.55 12.39
N PHE A 396 1.84 -7.42 13.08
CA PHE A 396 0.84 -6.41 13.03
C PHE A 396 1.46 -5.02 13.02
N GLY A 397 1.30 -4.33 11.89
CA GLY A 397 1.91 -3.02 11.71
C GLY A 397 1.15 -1.84 12.27
N TYR A 398 1.85 -0.73 12.35
CA TYR A 398 1.23 0.49 12.72
C TYR A 398 1.65 1.64 11.81
N VAL A 399 0.71 2.56 11.56
CA VAL A 399 0.95 3.85 10.90
C VAL A 399 0.04 4.89 11.50
N THR A 400 0.47 6.14 11.49
CA THR A 400 -0.42 7.24 11.85
C THR A 400 -0.11 8.54 11.08
N ARG A 401 -1.12 9.41 10.98
CA ARG A 401 -0.98 10.66 10.26
C ARG A 401 -1.79 11.82 10.84
N GLY A 402 -1.36 13.03 10.50
CA GLY A 402 -2.07 14.23 10.89
C GLY A 402 -1.64 14.61 12.27
N PRO A 403 -2.09 15.80 12.76
CA PRO A 403 -1.65 16.31 14.04
C PRO A 403 -2.31 15.56 15.19
N GLN A 404 -1.48 15.22 16.18
CA GLN A 404 -1.88 14.37 17.29
C GLN A 404 -2.55 15.13 18.44
N THR A 405 -2.32 16.44 18.52
CA THR A 405 -3.02 17.30 19.47
C THR A 405 -3.67 18.46 18.69
N GLY A 406 -4.99 18.46 18.65
CA GLY A 406 -5.73 19.53 17.99
C GLY A 406 -5.70 19.41 16.48
N GLY A 407 -6.17 20.48 15.82
CA GLY A 407 -6.17 20.59 14.35
C GLY A 407 -7.05 19.62 13.57
N ILE A 408 -7.95 18.94 14.26
CA ILE A 408 -8.70 17.75 13.76
C ILE A 408 -10.19 18.06 13.64
N SER A 409 -10.95 17.13 13.08
CA SER A 409 -12.40 17.26 12.98
C SER A 409 -13.03 15.88 12.92
N GLY A 410 -14.35 15.86 13.08
CA GLY A 410 -15.07 14.59 13.08
C GLY A 410 -14.83 13.79 11.82
N LEU A 411 -14.69 14.52 10.71
CA LEU A 411 -14.39 13.87 9.44
C LEU A 411 -13.04 13.11 9.37
N ASP A 412 -12.21 13.28 10.40
CA ASP A 412 -10.98 12.48 10.55
C ASP A 412 -11.18 11.14 11.17
N SER A 413 -12.39 10.86 11.66
CA SER A 413 -12.71 9.57 12.25
C SER A 413 -12.90 8.54 11.17
N PHE A 414 -12.52 7.31 11.43
CA PHE A 414 -12.43 6.34 10.37
C PHE A 414 -13.71 5.64 10.06
N GLY A 415 -14.79 6.09 10.69
CA GLY A 415 -16.09 5.80 10.16
C GLY A 415 -16.29 6.55 8.86
N ASN A 416 -15.43 7.56 8.63
CA ASN A 416 -15.43 8.33 7.38
C ASN A 416 -14.40 7.88 6.35
N LEU A 417 -13.76 6.73 6.58
CA LEU A 417 -12.87 6.12 5.62
C LEU A 417 -13.36 4.73 5.26
N GLU A 418 -13.76 4.52 4.00
CA GLU A 418 -14.17 3.18 3.52
C GLU A 418 -13.42 2.89 2.23
N VAL A 419 -13.68 1.73 1.63
CA VAL A 419 -13.13 1.36 0.32
C VAL A 419 -14.16 0.54 -0.42
N SER A 420 -14.20 0.69 -1.74
CA SER A 420 -15.13 -0.08 -2.55
C SER A 420 -14.60 -1.47 -2.83
N PRO A 421 -15.46 -2.37 -3.33
CA PRO A 421 -14.92 -3.61 -3.89
C PRO A 421 -14.18 -3.31 -5.16
N PRO A 422 -13.48 -4.30 -5.74
CA PRO A 422 -12.83 -4.05 -7.02
C PRO A 422 -13.84 -3.64 -8.06
N VAL A 423 -13.48 -2.71 -8.93
CA VAL A 423 -14.35 -2.24 -10.00
C VAL A 423 -13.51 -1.84 -11.20
N THR A 424 -14.14 -1.86 -12.36
CA THR A 424 -13.55 -1.37 -13.58
C THR A 424 -14.43 -0.23 -13.99
N VAL A 425 -13.82 0.88 -14.36
CA VAL A 425 -14.51 2.13 -14.64
C VAL A 425 -14.13 2.53 -16.04
N ARG A 426 -15.06 2.43 -16.99
CA ARG A 426 -14.78 2.85 -18.35
C ARG A 426 -13.43 2.30 -18.86
N GLY A 427 -13.17 1.02 -18.58
CA GLY A 427 -11.97 0.36 -19.07
C GLY A 427 -10.77 0.35 -18.13
N LYS A 428 -10.62 1.37 -17.29
CA LYS A 428 -9.57 1.36 -16.27
C LYS A 428 -9.91 0.49 -15.05
N GLU A 429 -9.00 -0.39 -14.69
CA GLU A 429 -9.28 -1.40 -13.65
C GLU A 429 -8.78 -0.95 -12.27
N TYR A 430 -9.59 -1.14 -11.24
CA TYR A 430 -9.22 -0.81 -9.86
C TYR A 430 -9.33 -2.10 -9.12
N PRO A 431 -8.32 -2.94 -9.25
CA PRO A 431 -8.43 -4.29 -8.75
C PRO A 431 -8.51 -4.36 -7.23
N LEU A 432 -8.16 -3.27 -6.54
CA LEU A 432 -8.26 -3.22 -5.05
C LEU A 432 -9.36 -2.28 -4.59
N GLY A 433 -10.15 -1.81 -5.55
CA GLY A 433 -11.21 -0.90 -5.24
C GLY A 433 -10.66 0.48 -5.10
N ARG A 434 -11.51 1.34 -4.56
CA ARG A 434 -11.18 2.75 -4.46
C ARG A 434 -11.56 3.24 -3.08
N ILE A 435 -10.63 3.83 -2.40
CA ILE A 435 -10.92 4.41 -1.13
C ILE A 435 -11.98 5.49 -1.32
N LEU A 436 -12.92 5.52 -0.38
CA LEU A 436 -13.91 6.55 -0.31
C LEU A 436 -13.80 7.28 1.01
N PHE A 437 -13.84 8.59 0.97
CA PHE A 437 -14.00 9.34 2.22
C PHE A 437 -14.83 10.60 2.02
N GLY A 438 -15.46 11.03 3.11
CA GLY A 438 -16.39 12.15 3.06
C GLY A 438 -15.74 13.52 3.10
N ASP A 439 -16.41 14.49 2.50
CA ASP A 439 -15.94 15.87 2.37
C ASP A 439 -17.18 16.79 2.27
N SER A 440 -16.94 18.10 2.23
CA SER A 440 -18.00 19.09 2.06
C SER A 440 -18.16 19.26 0.57
N CYS A 441 -19.16 20.00 0.10
N CYS A 441 -19.18 20.03 0.19
CA CYS A 441 -19.25 20.24 -1.35
CA CYS A 441 -19.46 20.39 -1.22
C CYS A 441 -18.34 21.36 -1.80
C CYS A 441 -18.41 21.36 -1.75
N TYR A 442 -18.00 22.27 -0.88
CA TYR A 442 -17.02 23.27 -1.18
C TYR A 442 -16.54 23.86 0.15
N PRO A 443 -15.31 24.35 0.17
CA PRO A 443 -14.81 24.87 1.43
C PRO A 443 -15.45 26.20 1.86
N SER A 444 -15.86 26.28 3.12
CA SER A 444 -16.46 27.52 3.69
C SER A 444 -16.05 27.64 5.14
N ASN A 445 -16.54 28.66 5.84
CA ASN A 445 -16.16 28.83 7.26
C ASN A 445 -16.77 27.76 8.16
N ASP A 446 -17.87 27.18 7.70
CA ASP A 446 -18.58 26.19 8.49
C ASP A 446 -18.32 24.79 8.03
N SER A 447 -17.54 24.60 6.96
CA SER A 447 -17.39 23.27 6.36
C SER A 447 -16.33 22.54 7.12
N ARG A 448 -16.42 21.22 7.07
CA ARG A 448 -15.36 20.32 7.55
C ARG A 448 -14.79 19.47 6.39
N GLN A 449 -13.54 19.04 6.58
CA GLN A 449 -12.84 18.12 5.68
C GLN A 449 -11.96 17.21 6.52
N MET A 450 -11.61 16.05 5.96
CA MET A 450 -10.59 15.19 6.53
C MET A 450 -9.30 15.93 6.36
N HIS A 451 -8.45 15.82 7.37
CA HIS A 451 -7.21 16.58 7.40
C HIS A 451 -6.35 16.38 6.13
N GLN A 452 -5.66 17.41 5.66
CA GLN A 452 -4.92 17.27 4.39
C GLN A 452 -3.86 16.13 4.40
N ALA A 453 -3.32 15.89 5.59
CA ALA A 453 -2.25 14.95 5.75
C ALA A 453 -2.69 13.52 5.50
N LEU A 454 -3.95 13.25 5.84
CA LEU A 454 -4.52 11.95 5.65
C LEU A 454 -4.86 11.80 4.19
N GLN A 455 -5.45 12.86 3.63
CA GLN A 455 -5.86 12.81 2.23
C GLN A 455 -4.64 12.56 1.39
N ASP A 456 -3.55 13.23 1.78
CA ASP A 456 -2.33 13.19 1.01
C ASP A 456 -1.73 11.84 1.12
N PHE A 457 -1.79 11.29 2.33
CA PHE A 457 -1.30 9.96 2.58
C PHE A 457 -2.04 8.90 1.75
N LEU A 458 -3.36 8.97 1.78
CA LEU A 458 -4.17 8.02 1.06
C LEU A 458 -3.95 8.06 -0.46
N SER A 459 -3.86 9.25 -1.04
CA SER A 459 -3.53 9.38 -2.48
C SER A 459 -2.16 8.89 -2.80
N ALA A 460 -1.21 9.12 -1.89
CA ALA A 460 0.13 8.68 -2.17
C ALA A 460 0.23 7.16 -2.22
N GLN A 461 -0.68 6.44 -1.56
CA GLN A 461 -0.64 4.98 -1.70
C GLN A 461 -0.96 4.53 -3.15
N GLN A 462 -1.57 5.42 -3.93
CA GLN A 462 -1.82 5.24 -5.35
C GLN A 462 -2.84 4.16 -5.70
N VAL A 463 -2.59 2.93 -5.28
CA VAL A 463 -3.38 1.74 -5.73
C VAL A 463 -4.86 1.72 -5.41
N GLN A 464 -5.36 2.60 -4.56
CA GLN A 464 -6.79 2.69 -4.30
C GLN A 464 -7.41 4.04 -4.64
N ALA A 465 -6.63 4.93 -5.21
CA ALA A 465 -7.09 6.10 -5.96
C ALA A 465 -8.33 6.70 -5.35
N PRO A 466 -8.14 7.32 -4.18
CA PRO A 466 -9.27 7.79 -3.40
C PRO A 466 -10.26 8.65 -4.19
N VAL A 467 -11.54 8.49 -3.84
CA VAL A 467 -12.62 9.34 -4.27
C VAL A 467 -13.22 10.10 -3.09
N LYS A 468 -13.42 11.42 -3.24
CA LYS A 468 -14.14 12.26 -2.25
C LYS A 468 -15.63 12.27 -2.46
N LEU A 469 -16.36 11.95 -1.40
CA LEU A 469 -17.80 12.03 -1.38
C LEU A 469 -18.25 13.15 -0.48
N TYR A 470 -19.54 13.42 -0.55
CA TYR A 470 -20.19 14.48 0.17
C TYR A 470 -20.86 13.85 1.38
N SER A 471 -20.29 14.10 2.57
CA SER A 471 -20.85 13.65 3.85
C SER A 471 -21.00 14.77 4.94
N ASP A 472 -20.63 16.00 4.62
CA ASP A 472 -20.58 17.06 5.60
C ASP A 472 -21.95 17.51 6.06
N TRP A 473 -22.96 17.24 5.24
CA TRP A 473 -24.37 17.38 5.60
C TRP A 473 -24.87 16.52 6.76
N LEU A 474 -24.16 15.45 7.08
CA LEU A 474 -24.52 14.67 8.26
C LEU A 474 -23.96 15.31 9.47
N SER A 475 -24.70 15.27 10.56
CA SER A 475 -24.20 15.80 11.79
C SER A 475 -22.81 15.26 12.12
N VAL A 476 -22.69 13.94 12.17
CA VAL A 476 -21.41 13.28 12.51
C VAL A 476 -20.43 13.39 11.34
N GLY A 477 -20.94 13.28 10.11
CA GLY A 477 -20.17 13.51 8.92
C GLY A 477 -19.50 12.28 8.33
N HIS A 478 -20.04 11.09 8.47
CA HIS A 478 -19.31 9.91 7.99
C HIS A 478 -19.99 9.17 6.89
N VAL A 479 -19.22 8.78 5.88
CA VAL A 479 -19.76 8.02 4.75
C VAL A 479 -20.39 6.68 5.12
N ASP A 480 -19.99 6.09 6.26
CA ASP A 480 -20.63 4.87 6.74
C ASP A 480 -22.08 5.14 7.18
N GLU A 481 -22.41 6.40 7.44
CA GLU A 481 -23.77 6.75 7.76
C GLU A 481 -24.73 6.71 6.56
N PHE A 482 -24.27 6.69 5.32
CA PHE A 482 -25.23 6.59 4.19
C PHE A 482 -24.93 5.49 3.21
N LEU A 483 -23.80 4.80 3.35
CA LEU A 483 -23.49 3.69 2.48
C LEU A 483 -22.90 2.45 3.18
N SER A 484 -23.05 1.34 2.47
CA SER A 484 -22.30 0.16 2.80
C SER A 484 -22.27 -0.68 1.58
N PHE A 485 -21.34 -1.62 1.53
CA PHE A 485 -21.28 -2.61 0.47
C PHE A 485 -21.41 -3.98 1.09
N VAL A 486 -21.98 -4.91 0.32
CA VAL A 486 -22.20 -6.32 0.75
C VAL A 486 -21.93 -7.25 -0.43
N PRO A 487 -21.46 -8.49 -0.15
CA PRO A 487 -21.21 -9.45 -1.22
C PRO A 487 -22.51 -9.88 -1.83
N ALA A 488 -22.42 -10.26 -3.09
CA ALA A 488 -23.57 -10.74 -3.82
C ALA A 488 -23.12 -11.79 -4.78
N PRO A 489 -23.93 -12.84 -4.99
CA PRO A 489 -23.45 -13.96 -5.77
C PRO A 489 -23.39 -13.73 -7.29
N ASP A 490 -23.92 -12.62 -7.80
CA ASP A 490 -24.04 -12.45 -9.25
C ASP A 490 -23.52 -11.08 -9.62
N ARG A 491 -23.87 -10.62 -10.83
CA ARG A 491 -23.49 -9.29 -11.26
C ARG A 491 -21.95 -9.10 -11.07
N LYS A 492 -21.52 -8.05 -10.37
CA LYS A 492 -20.12 -7.75 -10.14
C LYS A 492 -19.68 -8.29 -8.80
N GLY A 493 -20.54 -9.05 -8.13
CA GLY A 493 -20.16 -9.66 -6.86
C GLY A 493 -20.38 -8.82 -5.62
N PHE A 494 -21.18 -7.75 -5.70
CA PHE A 494 -21.54 -6.97 -4.50
C PHE A 494 -22.77 -6.19 -4.78
N ARG A 495 -23.30 -5.60 -3.73
CA ARG A 495 -24.26 -4.52 -3.87
C ARG A 495 -23.76 -3.35 -3.07
N LEU A 496 -23.84 -2.17 -3.67
CA LEU A 496 -23.81 -0.92 -2.93
C LEU A 496 -25.15 -0.72 -2.22
N LEU A 497 -25.15 -0.60 -0.92
CA LEU A 497 -26.34 -0.14 -0.21
C LEU A 497 -26.23 1.34 0.04
N LEU A 498 -27.36 2.03 -0.06
CA LEU A 498 -27.49 3.44 0.27
C LEU A 498 -28.71 3.63 1.12
N ALA A 499 -28.63 4.49 2.12
CA ALA A 499 -29.80 4.92 2.85
C ALA A 499 -30.74 5.66 1.89
N SER A 500 -32.05 5.50 2.13
CA SER A 500 -33.08 6.02 1.23
C SER A 500 -34.35 6.38 2.01
N PRO A 501 -34.62 7.67 2.18
CA PRO A 501 -35.91 8.06 2.67
C PRO A 501 -37.01 7.75 1.68
N ARG A 502 -36.74 7.94 0.40
CA ARG A 502 -37.74 7.68 -0.62
C ARG A 502 -38.40 6.36 -0.36
N SER A 503 -37.54 5.38 -0.10
CA SER A 503 -37.93 3.99 0.09
C SER A 503 -38.71 3.74 1.36
N CYS A 504 -38.35 4.46 2.41
CA CYS A 504 -39.10 4.37 3.65
C CYS A 504 -40.47 5.02 3.50
N TYR A 505 -40.57 6.08 2.72
CA TYR A 505 -41.86 6.71 2.48
C TYR A 505 -42.74 5.76 1.67
N LYS A 506 -42.23 5.27 0.57
CA LYS A 506 -42.97 4.31 -0.20
C LYS A 506 -43.48 3.11 0.66
N LEU A 507 -42.61 2.56 1.53
CA LEU A 507 -43.01 1.44 2.36
C LEU A 507 -44.16 1.85 3.28
N PHE A 508 -43.97 2.90 4.06
CA PHE A 508 -44.98 3.42 4.99
C PHE A 508 -46.32 3.80 4.34
N GLN A 509 -46.23 4.41 3.16
CA GLN A 509 -47.40 4.73 2.39
C GLN A 509 -48.09 3.41 2.00
N GLU A 510 -47.34 2.45 1.52
CA GLU A 510 -47.91 1.15 1.18
C GLU A 510 -48.67 0.61 2.38
N GLN A 511 -48.06 0.57 3.57
CA GLN A 511 -48.72 0.07 4.79
C GLN A 511 -50.01 0.83 5.13
N GLN A 512 -50.01 2.15 4.92
CA GLN A 512 -51.22 2.93 5.14
C GLN A 512 -52.27 2.47 4.15
N ASN A 513 -51.88 2.36 2.90
CA ASN A 513 -52.82 1.88 1.89
C ASN A 513 -53.50 0.54 2.29
N GLU A 514 -52.78 -0.42 2.84
CA GLU A 514 -53.43 -1.71 3.24
C GLU A 514 -53.97 -1.69 4.69
N GLY A 515 -54.22 -0.49 5.23
CA GLY A 515 -54.97 -0.37 6.47
C GLY A 515 -54.19 -0.14 7.74
N HIS A 516 -52.87 -0.17 7.65
CA HIS A 516 -52.05 -0.18 8.83
C HIS A 516 -51.55 1.19 9.22
N GLY A 517 -52.20 2.25 8.75
CA GLY A 517 -51.81 3.63 9.09
C GLY A 517 -51.72 3.91 10.58
N GLU A 518 -52.45 3.08 11.32
CA GLU A 518 -52.50 3.18 12.75
C GLU A 518 -51.17 2.66 13.43
N ALA A 519 -50.38 1.86 12.71
CA ALA A 519 -49.18 1.21 13.27
C ALA A 519 -48.17 2.17 13.91
N LEU A 520 -47.42 1.66 14.87
CA LEU A 520 -46.61 2.50 15.75
C LEU A 520 -45.12 2.31 15.60
N LEU A 521 -44.45 3.33 15.08
CA LEU A 521 -42.99 3.31 15.05
C LEU A 521 -42.49 3.55 16.49
N PHE A 522 -41.40 2.87 16.85
CA PHE A 522 -40.84 2.83 18.21
C PHE A 522 -41.66 1.90 19.14
N GLU A 523 -42.46 1.01 18.54
CA GLU A 523 -43.23 0.02 19.29
C GLU A 523 -42.24 -0.89 20.01
N GLY A 524 -42.47 -1.10 21.30
CA GLY A 524 -41.59 -1.89 22.14
C GLY A 524 -40.48 -1.10 22.82
N ILE A 525 -40.54 0.24 22.81
CA ILE A 525 -39.53 1.04 23.55
C ILE A 525 -40.13 1.98 24.59
N LYS A 526 -39.56 1.89 25.81
CA LYS A 526 -40.00 2.60 27.02
C LYS A 526 -39.16 3.86 27.26
N LYS A 527 -39.84 4.96 27.58
CA LYS A 527 -39.30 6.34 27.56
C LYS A 527 -38.99 6.77 26.13
N LYS A 528 -39.97 6.56 25.27
CA LYS A 528 -39.92 7.05 23.91
C LYS A 528 -41.33 7.11 23.31
N LYS A 529 -41.60 8.21 22.60
CA LYS A 529 -42.95 8.52 22.12
C LYS A 529 -43.24 7.85 20.80
N GLN A 530 -44.06 6.78 20.86
CA GLN A 530 -44.60 6.10 19.69
C GLN A 530 -45.18 7.12 18.69
N GLN A 531 -45.07 6.83 17.39
CA GLN A 531 -45.68 7.68 16.35
C GLN A 531 -46.28 6.80 15.31
N LYS A 532 -47.48 7.11 14.88
CA LYS A 532 -48.15 6.29 13.87
C LYS A 532 -47.71 6.63 12.47
N ILE A 533 -47.61 5.61 11.64
CA ILE A 533 -47.39 5.77 10.20
C ILE A 533 -48.18 6.95 9.61
N LYS A 534 -49.47 7.08 9.99
CA LYS A 534 -50.27 8.13 9.41
C LYS A 534 -49.74 9.50 9.75
N ASN A 535 -49.25 9.66 10.97
CA ASN A 535 -48.79 10.98 11.40
C ASN A 535 -47.38 11.27 10.94
N ILE A 536 -46.62 10.22 10.67
CA ILE A 536 -45.31 10.36 10.08
C ILE A 536 -45.44 10.82 8.65
N LEU A 537 -46.20 10.08 7.83
CA LEU A 537 -46.47 10.47 6.40
C LEU A 537 -47.11 11.86 6.23
N SER A 538 -47.79 12.35 7.24
CA SER A 538 -48.42 13.64 7.14
C SER A 538 -47.53 14.73 7.66
N ASN A 539 -46.42 14.38 8.30
CA ASN A 539 -45.55 15.42 8.88
C ASN A 539 -44.71 16.10 7.79
N LYS A 540 -45.09 17.33 7.47
CA LYS A 540 -44.51 18.06 6.31
C LYS A 540 -43.07 18.54 6.51
N THR A 541 -42.71 18.89 7.74
CA THR A 541 -41.34 19.28 8.09
C THR A 541 -40.38 18.11 7.93
N LEU A 542 -40.75 17.00 8.54
CA LEU A 542 -40.04 15.75 8.35
C LEU A 542 -39.94 15.40 6.86
N ARG A 543 -41.02 15.57 6.10
CA ARG A 543 -40.94 15.27 4.68
C ARG A 543 -39.98 16.20 3.93
N GLU A 544 -39.85 17.42 4.43
CA GLU A 544 -38.93 18.40 3.87
C GLU A 544 -37.44 18.05 4.16
N HIS A 545 -37.10 17.92 5.44
CA HIS A 545 -35.82 17.42 5.89
C HIS A 545 -35.38 16.18 5.10
N ASN A 546 -36.26 15.20 5.00
CA ASN A 546 -35.89 14.03 4.24
C ASN A 546 -35.71 14.29 2.76
N SER A 547 -36.42 15.27 2.19
CA SER A 547 -36.17 15.62 0.79
C SER A 547 -34.80 16.21 0.56
N PHE A 548 -34.30 16.96 1.55
CA PHE A 548 -32.99 17.54 1.48
C PHE A 548 -31.93 16.49 1.64
N VAL A 549 -32.21 15.53 2.51
CA VAL A 549 -31.32 14.43 2.65
C VAL A 549 -31.28 13.62 1.39
N GLU A 550 -32.45 13.36 0.85
CA GLU A 550 -32.59 12.65 -0.42
C GLU A 550 -31.67 13.25 -1.47
N ARG A 551 -31.52 14.56 -1.45
CA ARG A 551 -30.67 15.21 -2.44
C ARG A 551 -29.21 15.00 -2.16
N CYS A 552 -28.85 15.09 -0.87
CA CYS A 552 -27.47 14.93 -0.43
C CYS A 552 -27.02 13.54 -0.78
N ILE A 553 -27.87 12.55 -0.45
CA ILE A 553 -27.54 11.17 -0.82
C ILE A 553 -27.48 10.99 -2.34
N ASP A 554 -28.47 11.51 -3.08
CA ASP A 554 -28.54 11.30 -4.55
C ASP A 554 -27.34 11.86 -5.27
N TRP A 555 -26.82 12.97 -4.77
CA TRP A 555 -25.60 13.55 -5.25
C TRP A 555 -24.46 12.54 -5.18
N ASN A 556 -24.33 11.83 -4.05
CA ASN A 556 -23.30 10.83 -3.89
C ASN A 556 -23.57 9.61 -4.77
N ARG A 557 -24.86 9.32 -4.96
CA ARG A 557 -25.24 8.21 -5.75
C ARG A 557 -24.64 8.35 -7.13
N GLU A 558 -24.80 9.51 -7.76
CA GLU A 558 -24.32 9.69 -9.14
C GLU A 558 -22.80 9.75 -9.13
N LEU A 559 -22.30 10.29 -8.05
CA LEU A 559 -20.88 10.41 -7.83
C LEU A 559 -20.20 9.03 -7.78
N LEU A 560 -20.75 8.15 -6.96
CA LEU A 560 -20.34 6.75 -6.95
C LEU A 560 -20.60 6.07 -8.29
N LYS A 561 -21.75 6.34 -8.89
CA LYS A 561 -22.03 5.76 -10.19
C LYS A 561 -20.89 6.09 -11.21
N ARG A 562 -20.47 7.35 -11.22
CA ARG A 562 -19.43 7.75 -12.13
C ARG A 562 -18.07 7.15 -11.75
N GLU A 563 -17.60 7.46 -10.54
CA GLU A 563 -16.25 7.14 -10.15
C GLU A 563 -16.00 5.64 -9.89
N LEU A 564 -17.05 4.83 -9.74
CA LEU A 564 -16.93 3.37 -9.56
C LEU A 564 -17.52 2.59 -10.72
N GLY A 565 -18.05 3.30 -11.71
CA GLY A 565 -18.64 2.66 -12.89
C GLY A 565 -19.83 1.80 -12.55
N LEU A 566 -20.72 2.28 -11.69
CA LEU A 566 -21.81 1.46 -11.19
C LEU A 566 -22.99 1.72 -12.07
N ALA A 567 -23.87 0.73 -12.10
CA ALA A 567 -25.20 0.89 -12.67
C ALA A 567 -26.23 0.64 -11.56
N GLU A 568 -27.49 0.98 -11.86
CA GLU A 568 -28.56 0.91 -10.86
C GLU A 568 -28.73 -0.52 -10.35
N SER A 569 -28.50 -1.50 -11.22
CA SER A 569 -28.63 -2.88 -10.79
C SER A 569 -27.54 -3.26 -9.79
N ASP A 570 -26.48 -2.44 -9.67
CA ASP A 570 -25.50 -2.63 -8.60
C ASP A 570 -25.93 -2.05 -7.26
N ILE A 571 -26.99 -1.28 -7.24
CA ILE A 571 -27.35 -0.52 -6.07
C ILE A 571 -28.66 -0.99 -5.46
N ILE A 572 -28.73 -0.99 -4.13
CA ILE A 572 -29.96 -1.28 -3.42
C ILE A 572 -30.21 -0.17 -2.42
N ASP A 573 -31.44 0.34 -2.43
CA ASP A 573 -31.86 1.35 -1.47
C ASP A 573 -32.42 0.70 -0.22
N ILE A 574 -32.00 1.19 0.93
CA ILE A 574 -32.42 0.70 2.23
C ILE A 574 -33.31 1.80 2.83
N PRO A 575 -34.57 1.46 3.20
CA PRO A 575 -35.50 2.44 3.72
C PRO A 575 -35.00 3.01 5.04
N GLN A 576 -34.88 4.34 5.10
CA GLN A 576 -34.19 5.01 6.17
C GLN A 576 -34.64 6.45 6.20
N LEU A 577 -35.04 6.93 7.36
CA LEU A 577 -35.45 8.32 7.51
C LEU A 577 -34.44 9.07 8.38
N PHE A 578 -34.37 10.37 8.13
CA PHE A 578 -33.46 11.24 8.86
C PHE A 578 -34.25 12.42 9.37
N LYS A 579 -33.57 13.28 10.13
CA LYS A 579 -34.07 14.59 10.54
C LYS A 579 -32.91 15.56 10.71
N LEU A 580 -33.19 16.85 10.64
CA LEU A 580 -32.14 17.85 10.77
C LEU A 580 -32.18 18.53 12.13
N LYS A 581 -31.05 18.52 12.82
CA LYS A 581 -30.99 19.01 14.19
C LYS A 581 -30.22 20.29 14.45
N GLU A 582 -28.92 20.27 14.32
CA GLU A 582 -28.18 21.40 14.84
C GLU A 582 -27.33 21.72 13.69
N PHE A 583 -27.28 23.00 13.39
CA PHE A 583 -26.69 23.51 12.16
C PHE A 583 -27.39 22.85 10.95
N SER A 584 -28.65 22.49 11.15
CA SER A 584 -29.42 21.85 10.13
C SER A 584 -28.71 20.59 9.56
N LYS A 585 -27.88 19.94 10.40
CA LYS A 585 -27.20 18.73 10.04
C LYS A 585 -28.07 17.53 10.37
N ALA A 586 -27.79 16.41 9.72
CA ALA A 586 -28.75 15.31 9.60
C ALA A 586 -28.39 14.20 10.51
N GLU A 587 -29.39 13.69 11.24
CA GLU A 587 -29.21 12.52 12.11
C GLU A 587 -30.22 11.50 11.71
N ALA A 588 -30.05 10.31 12.24
CA ALA A 588 -30.93 9.23 11.87
C ALA A 588 -32.25 9.28 12.69
N PHE A 589 -33.36 9.13 11.99
CA PHE A 589 -34.66 9.26 12.59
C PHE A 589 -34.98 8.07 13.45
N PHE A 590 -34.67 6.89 12.91
CA PHE A 590 -34.61 5.64 13.64
C PHE A 590 -33.24 5.00 13.35
N PRO A 591 -32.84 3.97 14.11
CA PRO A 591 -31.53 3.35 13.92
C PRO A 591 -31.13 3.18 12.48
N ASN A 592 -29.95 3.70 12.15
CA ASN A 592 -29.44 3.77 10.78
C ASN A 592 -29.04 2.39 10.31
N MET A 593 -29.94 1.71 9.65
CA MET A 593 -29.72 0.31 9.34
C MET A 593 -28.56 0.05 8.37
N VAL A 594 -28.20 1.03 7.52
CA VAL A 594 -27.09 0.84 6.58
C VAL A 594 -25.72 0.85 7.29
N ASN A 595 -25.69 1.37 8.53
CA ASN A 595 -24.50 1.37 9.40
C ASN A 595 -24.42 0.01 10.11
N MET A 596 -24.23 -1.01 9.28
CA MET A 596 -24.22 -2.44 9.64
C MET A 596 -22.86 -3.09 9.64
N LEU A 597 -22.75 -4.19 10.37
CA LEU A 597 -21.55 -5.05 10.39
C LEU A 597 -21.64 -6.17 9.33
N VAL A 598 -20.65 -6.26 8.45
CA VAL A 598 -20.69 -7.22 7.38
C VAL A 598 -19.63 -8.27 7.57
N LEU A 599 -20.07 -9.45 7.98
CA LEU A 599 -19.20 -10.59 8.16
C LEU A 599 -19.56 -11.62 7.11
N GLY A 600 -19.02 -11.44 5.93
CA GLY A 600 -19.33 -12.27 4.77
C GLY A 600 -20.81 -12.13 4.49
N LYS A 601 -21.55 -13.23 4.50
CA LYS A 601 -23.00 -13.18 4.33
C LYS A 601 -23.77 -12.83 5.64
N HIS A 602 -23.12 -12.76 6.79
CA HIS A 602 -23.81 -12.53 8.06
C HIS A 602 -23.85 -11.03 8.44
N LEU A 603 -24.96 -10.36 8.16
CA LEU A 603 -25.12 -8.94 8.40
C LEU A 603 -25.54 -8.66 9.82
N GLY A 604 -25.01 -7.60 10.41
CA GLY A 604 -25.34 -7.20 11.79
C GLY A 604 -25.94 -5.81 11.77
N ILE A 605 -27.23 -5.77 11.50
CA ILE A 605 -27.95 -4.59 11.09
C ILE A 605 -28.62 -3.96 12.28
N PRO A 606 -28.58 -2.65 12.41
CA PRO A 606 -29.26 -2.04 13.59
C PRO A 606 -30.77 -2.29 13.65
N LYS A 607 -31.31 -2.33 14.87
CA LYS A 607 -32.71 -2.70 15.00
C LYS A 607 -33.58 -1.45 14.84
N PRO A 608 -34.28 -1.36 13.70
CA PRO A 608 -35.04 -0.15 13.45
C PRO A 608 -36.14 0.09 14.47
N PHE A 609 -36.68 -0.97 15.05
CA PHE A 609 -37.87 -0.90 15.93
C PHE A 609 -39.00 -0.22 15.14
N GLY A 610 -39.31 -0.81 13.99
CA GLY A 610 -40.29 -0.22 13.11
C GLY A 610 -41.70 -0.48 13.59
N PRO A 611 -42.71 0.03 12.84
CA PRO A 611 -44.09 -0.31 13.13
C PRO A 611 -44.39 -1.79 12.85
N VAL A 612 -44.93 -2.48 13.86
CA VAL A 612 -45.09 -3.93 13.83
C VAL A 612 -46.40 -4.28 13.15
N ILE A 613 -46.30 -5.13 12.13
CA ILE A 613 -47.41 -5.42 11.26
C ILE A 613 -47.35 -6.89 10.94
N ASN A 614 -48.35 -7.63 11.41
CA ASN A 614 -48.47 -9.05 11.13
C ASN A 614 -47.29 -9.76 11.77
N GLY A 615 -46.96 -9.33 12.98
CA GLY A 615 -45.97 -9.99 13.80
C GLY A 615 -44.58 -9.46 13.61
N ARG A 616 -44.34 -8.72 12.53
CA ARG A 616 -42.99 -8.25 12.28
C ARG A 616 -42.82 -6.78 11.87
N CYS A 617 -41.86 -6.11 12.52
CA CYS A 617 -41.34 -4.82 12.07
C CYS A 617 -41.27 -4.79 10.54
N CYS A 618 -42.06 -3.91 9.91
CA CYS A 618 -42.08 -3.88 8.44
C CYS A 618 -40.74 -3.44 7.85
N LEU A 619 -39.95 -2.69 8.62
CA LEU A 619 -38.63 -2.31 8.18
C LEU A 619 -37.79 -3.57 8.02
N GLU A 620 -37.65 -4.31 9.11
CA GLU A 620 -36.92 -5.57 9.07
C GLU A 620 -37.35 -6.43 7.88
N GLU A 621 -38.65 -6.56 7.66
CA GLU A 621 -39.15 -7.35 6.52
C GLU A 621 -38.73 -6.78 5.19
N LYS A 622 -38.86 -5.46 5.04
CA LYS A 622 -38.42 -4.82 3.79
C LYS A 622 -36.92 -5.09 3.52
N VAL A 623 -36.11 -4.98 4.57
CA VAL A 623 -34.68 -5.20 4.42
C VAL A 623 -34.41 -6.64 4.00
N CYS A 624 -34.93 -7.55 4.83
CA CYS A 624 -34.81 -8.97 4.58
C CYS A 624 -35.27 -9.22 3.15
N SER A 625 -36.39 -8.63 2.76
CA SER A 625 -36.89 -8.90 1.40
C SER A 625 -35.91 -8.48 0.29
N LEU A 626 -35.05 -7.50 0.60
CA LEU A 626 -34.05 -6.99 -0.35
C LEU A 626 -32.71 -7.75 -0.28
N LEU A 627 -32.35 -8.24 0.90
CA LEU A 627 -31.05 -8.88 1.10
C LEU A 627 -31.01 -10.42 1.08
N GLU A 628 -32.03 -11.07 1.64
CA GLU A 628 -32.09 -12.52 1.67
C GLU A 628 -31.96 -13.20 0.28
N PRO A 629 -32.55 -12.63 -0.78
CA PRO A 629 -32.35 -13.15 -2.14
C PRO A 629 -30.94 -13.08 -2.69
N LEU A 630 -30.00 -12.53 -1.93
CA LEU A 630 -28.61 -12.44 -2.34
C LEU A 630 -27.77 -13.36 -1.49
N GLY A 631 -28.44 -14.21 -0.73
CA GLY A 631 -27.79 -15.05 0.24
C GLY A 631 -27.50 -14.40 1.58
N LEU A 632 -28.03 -13.24 1.87
CA LEU A 632 -27.58 -12.61 3.07
C LEU A 632 -28.47 -12.95 4.26
N GLN A 633 -27.86 -13.12 5.43
CA GLN A 633 -28.52 -13.43 6.67
C GLN A 633 -28.56 -12.17 7.52
N CYS A 634 -29.73 -11.59 7.77
CA CYS A 634 -29.86 -10.32 8.49
C CYS A 634 -30.18 -10.53 9.95
N THR A 635 -29.31 -10.10 10.82
CA THR A 635 -29.56 -10.18 12.23
C THR A 635 -29.79 -8.77 12.69
N PHE A 636 -30.88 -8.52 13.40
CA PHE A 636 -31.17 -7.18 13.85
C PHE A 636 -30.75 -7.03 15.29
N ILE A 637 -29.74 -6.21 15.48
CA ILE A 637 -29.13 -6.03 16.76
C ILE A 637 -29.66 -4.76 17.38
N ASN A 638 -29.98 -4.87 18.67
CA ASN A 638 -30.56 -3.77 19.37
C ASN A 638 -29.42 -2.93 19.91
N ASP A 639 -29.33 -1.69 19.43
CA ASP A 639 -28.32 -0.77 19.90
C ASP A 639 -28.88 0.54 20.42
N PHE A 640 -30.18 0.56 20.69
CA PHE A 640 -30.93 1.82 20.85
C PHE A 640 -30.49 2.80 21.96
N PHE A 641 -30.45 2.34 23.22
CA PHE A 641 -30.01 3.18 24.37
C PHE A 641 -28.50 3.11 24.58
N THR A 642 -27.90 2.06 24.02
CA THR A 642 -26.45 1.91 23.98
C THR A 642 -25.76 2.88 23.00
N TYR A 643 -26.10 2.81 21.71
CA TYR A 643 -25.42 3.58 20.62
C TYR A 643 -26.30 4.57 19.86
N HIS A 644 -27.54 4.21 19.54
CA HIS A 644 -28.34 5.03 18.63
C HIS A 644 -28.61 6.43 19.17
N ILE A 645 -28.87 6.53 20.49
CA ILE A 645 -29.13 7.81 21.16
C ILE A 645 -27.85 8.60 21.38
N ARG A 646 -26.70 7.95 21.17
CA ARG A 646 -25.38 8.58 21.13
C ARG A 646 -24.90 8.90 19.71
N HIS A 647 -25.80 8.77 18.74
CA HIS A 647 -25.64 9.28 17.38
C HIS A 647 -24.83 8.34 16.47
N GLY A 648 -24.82 7.05 16.84
CA GLY A 648 -24.11 6.03 16.06
C GLY A 648 -24.76 4.68 16.18
N GLU A 649 -24.37 3.72 15.34
CA GLU A 649 -24.96 2.37 15.37
C GLU A 649 -23.91 1.24 15.49
N VAL A 650 -24.30 0.04 15.06
CA VAL A 650 -23.47 -1.17 15.08
C VAL A 650 -22.15 -0.94 14.38
N HIS A 651 -22.21 -0.49 13.11
CA HIS A 651 -20.96 -0.28 12.35
C HIS A 651 -20.02 0.67 13.08
N CYS A 652 -20.61 1.75 13.60
CA CYS A 652 -19.88 2.77 14.36
C CYS A 652 -19.21 2.27 15.66
N GLY A 653 -19.74 1.21 16.27
CA GLY A 653 -19.25 0.68 17.56
C GLY A 653 -18.31 -0.50 17.47
N THR A 654 -18.06 -0.95 16.22
CA THR A 654 -17.25 -2.14 15.89
C THR A 654 -16.15 -1.87 14.84
N ASN A 655 -15.39 -2.91 14.49
CA ASN A 655 -14.40 -2.86 13.43
C ASN A 655 -13.99 -4.29 13.02
N VAL A 656 -13.46 -4.47 11.81
CA VAL A 656 -13.15 -5.82 11.34
C VAL A 656 -11.77 -5.81 10.75
N ARG A 657 -11.04 -6.91 10.83
CA ARG A 657 -9.89 -7.09 9.99
C ARG A 657 -10.28 -8.13 8.97
N ARG A 658 -9.81 -7.99 7.74
CA ARG A 658 -10.22 -8.89 6.69
C ARG A 658 -9.06 -9.34 5.84
N LYS A 659 -9.30 -10.44 5.15
CA LYS A 659 -8.35 -11.05 4.21
C LYS A 659 -7.85 -10.07 3.12
N PRO A 660 -6.52 -9.88 3.01
CA PRO A 660 -5.98 -9.14 1.90
C PRO A 660 -6.36 -9.62 0.53
N PHE A 661 -6.38 -8.72 -0.45
CA PHE A 661 -6.71 -9.17 -1.80
C PHE A 661 -5.63 -10.14 -2.20
N SER A 662 -5.96 -11.02 -3.11
CA SER A 662 -5.02 -11.99 -3.61
C SER A 662 -4.29 -11.34 -4.71
N PHE A 663 -4.96 -10.41 -5.38
CA PHE A 663 -4.31 -9.64 -6.41
C PHE A 663 -3.15 -8.85 -5.79
N LYS A 664 -2.01 -8.92 -6.46
CA LYS A 664 -0.80 -8.31 -5.95
C LYS A 664 -0.79 -6.89 -6.44
N TRP A 665 -0.75 -5.95 -5.49
CA TRP A 665 -0.86 -4.53 -5.79
C TRP A 665 0.10 -4.06 -6.89
N TRP A 666 1.31 -4.61 -6.94
CA TRP A 666 2.32 -4.21 -7.93
C TRP A 666 1.98 -4.59 -9.37
N ASN A 667 0.95 -5.41 -9.55
CA ASN A 667 0.50 -5.73 -10.91
C ASN A 667 -0.47 -4.75 -11.50
N MET A 668 -1.02 -3.90 -10.65
CA MET A 668 -1.84 -2.80 -11.09
C MET A 668 -1.00 -1.91 -11.97
N VAL A 669 -1.61 -1.14 -12.87
CA VAL A 669 -0.92 0.00 -13.48
C VAL A 669 -1.67 1.29 -13.17
N PRO A 670 -1.44 1.89 -11.98
CA PRO A 670 -2.20 3.09 -11.57
C PRO A 670 -2.06 4.20 -12.57
S SO4 B . -16.67 18.21 14.38
O1 SO4 B . -17.27 17.27 13.43
O2 SO4 B . -17.78 19.03 14.94
O3 SO4 B . -15.95 17.48 15.45
O4 SO4 B . -15.64 19.06 13.70
S SO4 C . -53.91 10.49 16.25
O1 SO4 C . -54.60 11.79 16.43
O2 SO4 C . -54.90 9.42 15.91
O3 SO4 C . -53.01 10.62 15.09
O4 SO4 C . -53.06 10.22 17.44
CA CA D . -13.92 2.64 8.25
CA CA E . -4.98 7.89 17.53
CA CA F . 9.34 -6.66 11.99
CA CA G . 6.73 -9.45 11.39
CA CA H . 15.11 -2.94 14.61
C7 8FT I . -23.55 12.23 22.54
C29 8FT I . -18.16 15.09 16.83
C8 8FT I . -22.67 11.80 21.56
C6 8FT I . -23.45 11.77 23.84
C30 8FT I . -19.36 14.46 17.07
C28 8FT I . -16.94 14.44 16.96
C34 8FT I . -21.57 10.44 23.18
C9 8FT I . -21.66 10.89 21.87
C5 8FT I . -22.45 10.87 24.14
C24 8FT I . -18.03 12.47 17.59
C31 8FT I . -19.23 13.15 17.46
C25 8FT I . -16.85 13.11 17.35
C22 8FT I . -19.52 11.03 18.10
C35 8FT I . -20.64 9.49 23.81
C10 8FT I . -20.70 10.46 20.82
C19 8FT I . -19.50 6.50 13.37
C4 8FT I . -22.14 10.24 25.47
C20 8FT I . -20.95 6.33 12.92
C1 8FT I . -20.19 9.06 27.46
C33 8FT I . -21.59 12.50 17.77
C27 8FT I . -14.48 13.02 17.19
C16 8FT I . -19.64 8.31 16.63
C15 8FT I . -20.74 9.06 17.34
C2 8FT I . -20.41 8.52 26.07
C17 8FT I . -20.25 7.51 15.51
C13 8FT I . -20.17 9.77 18.52
N23 8FT I . -18.21 11.17 17.98
N21 8FT I . -18.54 6.04 12.65
N32 8FT I . -20.17 12.21 17.79
N3 8FT I . -20.91 9.54 25.17
N12 8FT I . -21.15 10.03 19.58
N18 8FT I . -19.22 7.15 14.56
O36 8FT I . -19.84 8.77 23.21
O11 8FT I . -19.52 10.55 21.11
O26 8FT I . -15.69 12.33 17.52
#